data_3DHO
#
_entry.id   3DHO
#
_cell.length_a   183.653
_cell.length_b   183.620
_cell.length_c   183.644
_cell.angle_alpha   90.00
_cell.angle_beta   90.00
_cell.angle_gamma   90.00
#
_symmetry.space_group_name_H-M   'F 2 2 2'
#
loop_
_entity.id
_entity.type
_entity.pdbx_description
1 polymer 'Streptogramin A acetyltransferase'
2 non-polymer 'DIMETHYL SULFOXIDE'
3 non-polymer "6-bromo-N'-[(1Z)-(3,5-dichloro-2-hydroxyphenyl)methylidene]-2-methylquinoline-4-carbohydrazide"
4 non-polymer 'FORMIC ACID'
5 water water
#
_entity_poly.entity_id   1
_entity_poly.type   'polypeptide(L)'
_entity_poly.pdbx_seq_one_letter_code
;MGPNPMKMYPIEGNKSVQFIKPILEKLENVEVGEYSYYDSKNGETFDKQILYHYPILNDKLKIGKFCSIGPGVTIIMNGA
NHRMDGSTYPFNLFGNGWEKHMPKLDQLPIKGDTIIGNDVWIGKDVVIMPGVKIGDGAIVAANSVVVKDIAPYMLAGGNP
ANEIKQRFDQDTINQLLDIKWWNWPIDIINENIDKILDNSIIREVIWKK
;
_entity_poly.pdbx_strand_id   A,B,C,D,E,F
#
# COMPACT_ATOMS: atom_id res chain seq x y z
N MET A 1 9.81 -57.80 -38.53
CA MET A 1 8.71 -58.44 -37.75
C MET A 1 8.22 -57.48 -36.64
N GLY A 2 9.07 -56.52 -36.27
CA GLY A 2 8.72 -55.55 -35.23
C GLY A 2 9.02 -56.03 -33.82
N PRO A 3 8.72 -55.17 -32.83
CA PRO A 3 9.11 -55.36 -31.42
C PRO A 3 8.32 -56.48 -30.76
N ASN A 4 8.75 -56.86 -29.57
CA ASN A 4 8.12 -57.93 -28.83
C ASN A 4 7.11 -57.30 -27.86
N PRO A 5 5.81 -57.54 -28.07
CA PRO A 5 4.77 -56.85 -27.28
C PRO A 5 4.74 -57.30 -25.81
N MET A 6 5.46 -58.37 -25.48
CA MET A 6 5.54 -58.85 -24.09
C MET A 6 6.71 -58.28 -23.28
N LYS A 7 7.57 -57.50 -23.94
CA LYS A 7 8.61 -56.78 -23.21
C LYS A 7 8.05 -55.49 -22.62
N MET A 8 8.23 -55.29 -21.32
CA MET A 8 7.85 -53.99 -20.73
C MET A 8 8.70 -52.87 -21.31
N TYR A 9 9.96 -53.16 -21.65
CA TYR A 9 10.83 -52.19 -22.29
C TYR A 9 11.26 -52.78 -23.64
N PRO A 10 10.46 -52.53 -24.70
CA PRO A 10 10.72 -53.17 -26.00
C PRO A 10 12.04 -52.75 -26.66
N ILE A 11 12.57 -51.59 -26.27
CA ILE A 11 13.83 -51.09 -26.79
C ILE A 11 14.94 -51.27 -25.74
N GLU A 12 15.94 -52.11 -26.06
CA GLU A 12 17.05 -52.36 -25.13
C GLU A 12 17.72 -51.06 -24.66
N GLY A 13 17.86 -50.92 -23.34
CA GLY A 13 18.56 -49.78 -22.73
C GLY A 13 17.71 -48.54 -22.60
N ASN A 14 16.47 -48.63 -23.07
CA ASN A 14 15.54 -47.52 -23.00
C ASN A 14 14.48 -47.86 -21.95
N LYS A 15 14.45 -47.11 -20.86
CA LYS A 15 13.46 -47.33 -19.83
C LYS A 15 12.30 -46.29 -19.89
N SER A 16 12.31 -45.46 -20.90
CA SER A 16 11.24 -44.47 -21.05
C SER A 16 10.05 -45.03 -21.84
N VAL A 17 10.36 -45.69 -22.96
CA VAL A 17 9.33 -46.24 -23.84
C VAL A 17 8.90 -47.60 -23.25
N GLN A 18 7.60 -47.72 -22.94
CA GLN A 18 7.09 -48.91 -22.27
C GLN A 18 5.90 -49.49 -23.02
N PHE A 19 5.85 -50.81 -23.14
CA PHE A 19 4.63 -51.48 -23.63
C PHE A 19 3.67 -51.68 -22.44
N ILE A 20 2.44 -51.18 -22.59
CA ILE A 20 1.48 -51.18 -21.48
C ILE A 20 0.94 -52.55 -21.08
N LYS A 21 0.62 -53.37 -22.07
CA LYS A 21 0.01 -54.68 -21.82
C LYS A 21 0.81 -55.54 -20.82
N PRO A 22 2.11 -55.82 -21.08
CA PRO A 22 2.81 -56.69 -20.11
C PRO A 22 2.93 -56.06 -18.71
N ILE A 23 2.98 -54.72 -18.66
CA ILE A 23 3.07 -54.03 -17.37
C ILE A 23 1.81 -54.24 -16.55
N LEU A 24 0.65 -54.19 -17.22
CA LEU A 24 -0.63 -54.20 -16.54
C LEU A 24 -1.29 -55.59 -16.44
N GLU A 25 -0.66 -56.61 -17.03
CA GLU A 25 -1.27 -57.95 -17.08
C GLU A 25 -1.60 -58.52 -15.70
N LYS A 26 -0.83 -58.11 -14.67
CA LYS A 26 -1.04 -58.53 -13.28
C LYS A 26 -2.33 -57.96 -12.70
N LEU A 27 -2.87 -56.93 -13.34
CA LEU A 27 -4.00 -56.19 -12.79
C LEU A 27 -5.33 -56.78 -13.17
N GLU A 28 -6.14 -56.98 -12.14
CA GLU A 28 -7.52 -57.39 -12.30
C GLU A 28 -8.30 -56.24 -12.91
N ASN A 29 -9.28 -56.59 -13.73
CA ASN A 29 -10.24 -55.64 -14.31
C ASN A 29 -9.58 -54.63 -15.26
N VAL A 30 -8.44 -55.02 -15.83
CA VAL A 30 -7.74 -54.21 -16.83
C VAL A 30 -7.47 -55.14 -18.05
N GLU A 31 -7.77 -54.64 -19.25
CA GLU A 31 -7.46 -55.34 -20.49
C GLU A 31 -6.75 -54.37 -21.43
N VAL A 32 -5.60 -54.77 -21.96
CA VAL A 32 -4.81 -53.87 -22.83
C VAL A 32 -4.36 -54.60 -24.11
N GLY A 33 -4.51 -53.91 -25.23
CA GLY A 33 -4.09 -54.43 -26.54
C GLY A 33 -2.58 -54.38 -26.71
N GLU A 34 -2.08 -55.29 -27.53
CA GLU A 34 -0.66 -55.34 -27.86
C GLU A 34 -0.19 -54.05 -28.55
N TYR A 35 1.08 -53.74 -28.31
CA TYR A 35 1.80 -52.61 -28.96
C TYR A 35 1.47 -51.23 -28.41
N SER A 36 0.33 -51.10 -27.73
CA SER A 36 0.02 -49.84 -27.06
C SER A 36 1.16 -49.50 -26.11
N TYR A 37 1.62 -48.25 -26.17
CA TYR A 37 2.79 -47.87 -25.41
C TYR A 37 2.60 -46.60 -24.60
N TYR A 38 3.43 -46.45 -23.57
CA TYR A 38 3.51 -45.26 -22.75
C TYR A 38 4.87 -44.60 -22.93
N ASP A 39 4.85 -43.30 -23.15
CA ASP A 39 6.07 -42.53 -23.32
C ASP A 39 6.37 -41.85 -21.97
N SER A 40 7.13 -42.52 -21.09
CA SER A 40 7.31 -42.12 -19.67
C SER A 40 7.86 -40.70 -19.49
N LYS A 41 7.35 -39.98 -18.48
CA LYS A 41 7.78 -38.62 -18.15
C LYS A 41 9.10 -38.61 -17.37
N ASN A 42 9.21 -39.45 -16.34
CA ASN A 42 10.39 -39.45 -15.46
C ASN A 42 10.92 -40.85 -15.15
N GLY A 43 10.66 -41.82 -16.03
CA GLY A 43 11.01 -43.22 -15.78
C GLY A 43 9.92 -44.02 -15.08
N GLU A 44 8.87 -43.32 -14.62
CA GLU A 44 7.78 -43.99 -13.92
C GLU A 44 7.12 -45.02 -14.82
N THR A 45 6.65 -46.11 -14.24
CA THR A 45 5.99 -47.14 -15.06
C THR A 45 4.49 -46.84 -15.13
N PHE A 46 3.84 -47.31 -16.19
CA PHE A 46 2.48 -46.85 -16.46
C PHE A 46 1.43 -47.27 -15.42
N ASP A 47 1.72 -48.34 -14.69
CA ASP A 47 0.82 -48.78 -13.60
C ASP A 47 0.57 -47.67 -12.58
N LYS A 48 1.58 -46.83 -12.35
CA LYS A 48 1.50 -45.68 -11.41
C LYS A 48 0.56 -44.58 -11.90
N GLN A 49 0.22 -44.63 -13.20
CA GLN A 49 -0.66 -43.62 -13.82
C GLN A 49 -2.17 -43.96 -13.75
N ILE A 50 -2.48 -45.16 -13.28
CA ILE A 50 -3.87 -45.59 -13.16
C ILE A 50 -4.28 -45.43 -11.69
N LEU A 51 -5.23 -44.54 -11.47
CA LEU A 51 -5.54 -44.09 -10.11
C LEU A 51 -6.91 -44.54 -9.64
N TYR A 52 -7.00 -44.90 -8.37
CA TYR A 52 -8.28 -45.20 -7.73
C TYR A 52 -8.99 -46.36 -8.38
N HIS A 53 -8.23 -47.34 -8.84
CA HIS A 53 -8.84 -48.51 -9.44
C HIS A 53 -8.87 -49.63 -8.42
N TYR A 54 -10.05 -49.87 -7.86
CA TYR A 54 -10.23 -50.83 -6.75
C TYR A 54 -11.12 -52.01 -7.20
N PRO A 55 -10.60 -53.25 -7.09
CA PRO A 55 -11.38 -54.42 -7.52
C PRO A 55 -12.82 -54.46 -6.95
N ILE A 56 -13.00 -54.06 -5.69
CA ILE A 56 -14.34 -54.03 -5.06
C ILE A 56 -15.41 -53.23 -5.82
N LEU A 57 -15.01 -52.16 -6.50
CA LEU A 57 -15.96 -51.32 -7.22
C LEU A 57 -16.36 -51.91 -8.58
N ASN A 58 -15.60 -52.92 -9.00
CA ASN A 58 -15.85 -53.71 -10.22
C ASN A 58 -15.89 -52.95 -11.56
N ASP A 59 -15.40 -51.71 -11.55
CA ASP A 59 -15.23 -50.96 -12.79
C ASP A 59 -14.04 -51.51 -13.59
N LYS A 60 -14.15 -51.45 -14.92
CA LYS A 60 -13.15 -52.06 -15.80
C LYS A 60 -12.46 -50.99 -16.64
N LEU A 61 -11.17 -51.21 -16.89
CA LEU A 61 -10.38 -50.39 -17.81
C LEU A 61 -10.03 -51.25 -19.00
N LYS A 62 -10.32 -50.77 -20.20
CA LYS A 62 -9.93 -51.46 -21.43
C LYS A 62 -9.22 -50.45 -22.34
N ILE A 63 -8.08 -50.85 -22.89
CA ILE A 63 -7.31 -50.03 -23.84
C ILE A 63 -7.06 -50.95 -25.04
N GLY A 64 -7.32 -50.45 -26.25
CA GLY A 64 -7.05 -51.22 -27.47
C GLY A 64 -5.58 -51.37 -27.87
N LYS A 65 -5.35 -51.75 -29.12
CA LYS A 65 -4.03 -52.00 -29.65
C LYS A 65 -3.51 -50.75 -30.36
N PHE A 66 -2.19 -50.67 -30.50
CA PHE A 66 -1.54 -49.54 -31.22
C PHE A 66 -1.89 -48.12 -30.75
N CYS A 67 -2.13 -47.97 -29.45
CA CYS A 67 -2.30 -46.67 -28.84
C CYS A 67 -0.97 -46.04 -28.47
N SER A 68 -0.93 -44.70 -28.45
CA SER A 68 0.24 -43.92 -28.07
C SER A 68 -0.18 -43.08 -26.88
N ILE A 69 0.35 -43.39 -25.71
CA ILE A 69 -0.04 -42.67 -24.48
C ILE A 69 1.10 -41.76 -24.05
N GLY A 70 0.83 -40.46 -24.07
CA GLY A 70 1.90 -39.45 -23.84
C GLY A 70 2.33 -39.39 -22.38
N PRO A 71 3.47 -38.72 -22.08
CA PRO A 71 3.97 -38.68 -20.70
C PRO A 71 3.00 -37.97 -19.76
N GLY A 72 2.82 -38.55 -18.58
CA GLY A 72 2.03 -37.92 -17.51
C GLY A 72 0.53 -38.12 -17.60
N VAL A 73 0.06 -38.79 -18.66
CA VAL A 73 -1.36 -39.17 -18.77
C VAL A 73 -1.79 -39.93 -17.50
N THR A 74 -2.93 -39.54 -16.94
CA THR A 74 -3.48 -40.30 -15.81
C THR A 74 -4.87 -40.81 -16.16
N ILE A 75 -5.18 -42.03 -15.70
CA ILE A 75 -6.48 -42.61 -15.90
C ILE A 75 -7.17 -42.72 -14.54
N ILE A 76 -8.27 -42.02 -14.37
CA ILE A 76 -8.95 -41.95 -13.07
C ILE A 76 -10.13 -42.90 -13.06
N MET A 77 -10.02 -43.94 -12.23
CA MET A 77 -11.12 -44.91 -12.10
C MET A 77 -12.06 -44.43 -10.97
N ASN A 78 -13.00 -45.28 -10.53
CA ASN A 78 -14.11 -44.76 -9.72
C ASN A 78 -13.85 -44.67 -8.22
N GLY A 79 -12.64 -45.02 -7.79
CA GLY A 79 -12.34 -45.14 -6.35
C GLY A 79 -12.32 -43.88 -5.49
N ALA A 80 -12.28 -42.72 -6.11
CA ALA A 80 -12.28 -41.43 -5.37
C ALA A 80 -13.68 -40.80 -5.34
N ASN A 81 -14.67 -41.48 -5.92
CA ASN A 81 -16.08 -40.99 -5.92
C ASN A 81 -16.59 -40.89 -4.47
N HIS A 82 -17.23 -39.76 -4.14
CA HIS A 82 -17.89 -39.60 -2.82
C HIS A 82 -19.35 -39.97 -2.97
N ARG A 83 -19.98 -40.40 -1.87
CA ARG A 83 -21.42 -40.52 -1.82
C ARG A 83 -22.05 -39.12 -1.97
N MET A 84 -23.13 -39.02 -2.75
CA MET A 84 -23.68 -37.68 -3.03
C MET A 84 -25.21 -37.52 -3.11
N ASP A 85 -25.95 -38.47 -2.53
CA ASP A 85 -27.42 -38.29 -2.36
C ASP A 85 -27.73 -37.32 -1.22
N GLY A 86 -26.72 -37.04 -0.40
CA GLY A 86 -26.79 -35.99 0.63
C GLY A 86 -25.40 -35.34 0.78
N SER A 87 -24.90 -35.24 2.00
CA SER A 87 -23.56 -34.70 2.23
C SER A 87 -22.52 -35.60 1.58
N THR A 88 -21.55 -34.97 0.94
CA THR A 88 -20.38 -35.65 0.38
C THR A 88 -19.28 -35.86 1.44
N TYR A 89 -19.52 -35.39 2.66
CA TYR A 89 -18.49 -35.56 3.70
C TYR A 89 -18.38 -37.01 4.15
N PRO A 90 -17.17 -37.59 4.07
CA PRO A 90 -17.02 -39.04 4.33
C PRO A 90 -16.81 -39.31 5.83
N PHE A 91 -17.86 -39.09 6.62
CA PHE A 91 -17.82 -39.31 8.07
C PHE A 91 -17.10 -40.63 8.38
N ASN A 92 -17.48 -41.67 7.65
CA ASN A 92 -16.93 -43.02 7.85
C ASN A 92 -15.40 -43.12 7.92
N LEU A 93 -14.70 -42.30 7.12
CA LEU A 93 -13.23 -42.31 7.03
C LEU A 93 -12.57 -42.03 8.37
N PHE A 94 -13.26 -41.28 9.23
CA PHE A 94 -12.68 -40.79 10.46
C PHE A 94 -12.87 -41.68 11.70
N GLY A 95 -13.65 -42.75 11.57
CA GLY A 95 -13.81 -43.72 12.68
C GLY A 95 -14.34 -43.09 13.96
N ASN A 96 -13.80 -43.54 15.11
CA ASN A 96 -14.42 -43.31 16.44
C ASN A 96 -15.96 -43.35 16.43
N GLY A 97 -16.53 -44.39 15.85
CA GLY A 97 -17.98 -44.51 15.83
C GLY A 97 -18.59 -44.20 14.49
N TRP A 98 -17.97 -43.30 13.72
CA TRP A 98 -18.54 -42.92 12.45
C TRP A 98 -18.42 -43.99 11.38
N GLU A 99 -17.57 -44.99 11.61
CA GLU A 99 -17.43 -46.07 10.61
C GLU A 99 -18.73 -46.83 10.38
N LYS A 100 -19.71 -46.67 11.30
CA LYS A 100 -21.04 -47.25 11.11
C LYS A 100 -21.74 -46.67 9.86
N HIS A 101 -21.28 -45.50 9.41
CA HIS A 101 -21.90 -44.80 8.28
C HIS A 101 -21.14 -45.04 6.95
N MET A 102 -20.38 -46.12 6.89
CA MET A 102 -19.69 -46.55 5.66
C MET A 102 -20.74 -46.66 4.57
N PRO A 103 -20.48 -46.08 3.39
CA PRO A 103 -21.45 -46.26 2.29
C PRO A 103 -21.51 -47.72 1.85
N LYS A 104 -22.70 -48.18 1.51
CA LYS A 104 -22.87 -49.48 0.88
C LYS A 104 -22.37 -49.35 -0.56
N LEU A 105 -21.95 -50.46 -1.16
CA LEU A 105 -21.46 -50.36 -2.53
C LEU A 105 -22.49 -49.74 -3.47
N ASP A 106 -23.77 -50.00 -3.24
CA ASP A 106 -24.78 -49.42 -4.11
C ASP A 106 -25.15 -47.97 -3.78
N GLN A 107 -24.48 -47.39 -2.79
CA GLN A 107 -24.64 -45.97 -2.52
C GLN A 107 -23.55 -45.13 -3.16
N LEU A 108 -22.55 -45.79 -3.74
CA LEU A 108 -21.46 -45.05 -4.37
C LEU A 108 -21.75 -44.85 -5.84
N PRO A 109 -21.61 -43.60 -6.35
CA PRO A 109 -21.80 -43.38 -7.77
C PRO A 109 -20.81 -44.22 -8.55
N ILE A 110 -21.26 -44.88 -9.61
CA ILE A 110 -20.30 -45.48 -10.54
C ILE A 110 -20.54 -44.89 -11.90
N LYS A 111 -19.50 -44.24 -12.42
CA LYS A 111 -19.62 -43.50 -13.67
C LYS A 111 -19.59 -44.45 -14.86
N GLY A 112 -19.05 -45.65 -14.66
CA GLY A 112 -19.00 -46.66 -15.70
C GLY A 112 -17.58 -47.17 -15.92
N ASP A 113 -17.43 -48.01 -16.93
CA ASP A 113 -16.10 -48.48 -17.33
C ASP A 113 -15.38 -47.44 -18.18
N THR A 114 -14.07 -47.54 -18.26
CA THR A 114 -13.28 -46.66 -19.10
C THR A 114 -12.81 -47.49 -20.27
N ILE A 115 -13.13 -47.02 -21.48
CA ILE A 115 -12.79 -47.79 -22.69
C ILE A 115 -12.06 -46.92 -23.71
N ILE A 116 -10.78 -47.20 -23.93
CA ILE A 116 -10.01 -46.50 -24.96
C ILE A 116 -9.85 -47.48 -26.12
N GLY A 117 -10.17 -47.03 -27.34
CA GLY A 117 -10.18 -47.90 -28.50
C GLY A 117 -8.77 -48.16 -29.06
N ASN A 118 -8.71 -48.51 -30.34
CA ASN A 118 -7.44 -48.87 -31.00
C ASN A 118 -6.86 -47.68 -31.75
N ASP A 119 -5.54 -47.62 -31.88
CA ASP A 119 -4.89 -46.53 -32.65
C ASP A 119 -5.28 -45.14 -32.13
N VAL A 120 -5.38 -45.02 -30.80
CA VAL A 120 -5.71 -43.75 -30.15
C VAL A 120 -4.43 -43.10 -29.65
N TRP A 121 -4.27 -41.79 -29.91
CA TRP A 121 -3.17 -41.01 -29.37
C TRP A 121 -3.70 -40.07 -28.29
N ILE A 122 -3.19 -40.26 -27.07
CA ILE A 122 -3.51 -39.42 -25.90
C ILE A 122 -2.30 -38.57 -25.57
N GLY A 123 -2.47 -37.25 -25.69
CA GLY A 123 -1.34 -36.32 -25.53
C GLY A 123 -0.83 -36.21 -24.09
N LYS A 124 0.33 -35.58 -23.95
CA LYS A 124 0.95 -35.29 -22.65
C LYS A 124 -0.03 -34.74 -21.60
N ASP A 125 0.05 -35.28 -20.38
CA ASP A 125 -0.63 -34.80 -19.18
C ASP A 125 -2.17 -34.81 -19.23
N VAL A 126 -2.74 -35.52 -20.19
CA VAL A 126 -4.20 -35.64 -20.27
C VAL A 126 -4.71 -36.39 -19.04
N VAL A 127 -5.85 -35.97 -18.53
CA VAL A 127 -6.54 -36.71 -17.48
C VAL A 127 -7.78 -37.36 -18.09
N ILE A 128 -7.88 -38.67 -17.94
CA ILE A 128 -9.08 -39.37 -18.39
C ILE A 128 -9.93 -39.65 -17.16
N MET A 129 -11.09 -38.99 -17.10
CA MET A 129 -11.97 -39.13 -15.93
C MET A 129 -12.81 -40.44 -16.03
N PRO A 130 -13.48 -40.84 -14.92
CA PRO A 130 -14.20 -42.12 -14.93
C PRO A 130 -15.32 -42.26 -15.98
N GLY A 131 -15.47 -43.49 -16.48
CA GLY A 131 -16.61 -43.88 -17.31
C GLY A 131 -16.57 -43.41 -18.75
N VAL A 132 -15.40 -42.98 -19.21
CA VAL A 132 -15.25 -42.36 -20.52
C VAL A 132 -14.96 -43.42 -21.59
N LYS A 133 -15.51 -43.26 -22.80
CA LYS A 133 -15.16 -44.13 -23.93
C LYS A 133 -14.54 -43.25 -25.00
N ILE A 134 -13.39 -43.67 -25.52
CA ILE A 134 -12.72 -42.93 -26.59
C ILE A 134 -12.62 -43.85 -27.81
N GLY A 135 -13.19 -43.42 -28.92
CA GLY A 135 -13.31 -44.23 -30.14
C GLY A 135 -11.99 -44.46 -30.87
N ASP A 136 -11.95 -45.53 -31.66
CA ASP A 136 -10.75 -45.86 -32.47
C ASP A 136 -10.24 -44.64 -33.21
N GLY A 137 -8.91 -44.47 -33.24
CA GLY A 137 -8.30 -43.46 -34.13
C GLY A 137 -8.43 -42.01 -33.65
N ALA A 138 -9.01 -41.81 -32.46
CA ALA A 138 -9.15 -40.44 -31.90
C ALA A 138 -7.77 -39.88 -31.55
N ILE A 139 -7.71 -38.55 -31.49
CA ILE A 139 -6.54 -37.84 -31.00
C ILE A 139 -7.00 -36.88 -29.92
N VAL A 140 -6.38 -36.99 -28.75
CA VAL A 140 -6.73 -36.13 -27.59
C VAL A 140 -5.54 -35.21 -27.29
N ALA A 141 -5.80 -33.91 -27.40
CA ALA A 141 -4.77 -32.88 -27.21
C ALA A 141 -4.12 -32.94 -25.84
N ALA A 142 -2.83 -32.61 -25.82
CA ALA A 142 -2.09 -32.46 -24.56
C ALA A 142 -2.92 -31.61 -23.60
N ASN A 143 -2.87 -31.98 -22.32
CA ASN A 143 -3.53 -31.23 -21.21
C ASN A 143 -5.06 -31.24 -21.18
N SER A 144 -5.71 -32.08 -21.99
CA SER A 144 -7.16 -32.23 -21.96
C SER A 144 -7.59 -32.90 -20.64
N VAL A 145 -8.85 -32.65 -20.26
CA VAL A 145 -9.48 -33.40 -19.19
C VAL A 145 -10.74 -33.97 -19.81
N VAL A 146 -10.71 -35.29 -20.02
CA VAL A 146 -11.76 -35.97 -20.77
C VAL A 146 -12.84 -36.44 -19.80
N VAL A 147 -14.03 -35.85 -19.91
CA VAL A 147 -15.14 -36.19 -18.97
C VAL A 147 -16.32 -36.89 -19.62
N LYS A 148 -16.36 -36.85 -20.95
CA LYS A 148 -17.43 -37.52 -21.71
C LYS A 148 -16.82 -38.22 -22.93
N ASP A 149 -17.65 -38.99 -23.63
CA ASP A 149 -17.14 -39.84 -24.72
C ASP A 149 -16.60 -39.00 -25.87
N ILE A 150 -15.62 -39.58 -26.57
CA ILE A 150 -15.09 -39.03 -27.81
C ILE A 150 -15.30 -40.07 -28.94
N ALA A 151 -15.90 -39.62 -30.04
CA ALA A 151 -16.18 -40.48 -31.18
C ALA A 151 -14.92 -40.88 -31.95
N PRO A 152 -15.00 -41.97 -32.75
CA PRO A 152 -13.83 -42.40 -33.54
C PRO A 152 -13.28 -41.33 -34.47
N TYR A 153 -11.95 -41.32 -34.60
CA TYR A 153 -11.27 -40.45 -35.58
C TYR A 153 -11.60 -38.96 -35.42
N MET A 154 -11.94 -38.57 -34.20
CA MET A 154 -12.07 -37.15 -33.81
C MET A 154 -10.78 -36.61 -33.23
N LEU A 155 -10.45 -35.35 -33.58
CA LEU A 155 -9.52 -34.54 -32.81
C LEU A 155 -10.34 -33.94 -31.67
N ALA A 156 -9.82 -34.02 -30.45
CA ALA A 156 -10.58 -33.52 -29.31
C ALA A 156 -9.61 -32.81 -28.39
N GLY A 157 -10.12 -31.88 -27.59
CA GLY A 157 -9.20 -31.15 -26.73
C GLY A 157 -9.95 -30.31 -25.73
N GLY A 158 -9.26 -29.94 -24.66
CA GLY A 158 -9.77 -28.95 -23.69
C GLY A 158 -10.17 -29.56 -22.34
N ASN A 159 -10.65 -28.70 -21.47
CA ASN A 159 -11.12 -29.08 -20.13
C ASN A 159 -12.41 -28.31 -19.81
N PRO A 160 -13.58 -28.96 -19.97
CA PRO A 160 -13.82 -30.34 -20.38
C PRO A 160 -13.47 -30.53 -21.85
N ALA A 161 -12.94 -31.69 -22.21
CA ALA A 161 -12.53 -31.92 -23.60
C ALA A 161 -13.79 -31.89 -24.47
N ASN A 162 -13.67 -31.31 -25.66
CA ASN A 162 -14.74 -31.42 -26.66
C ASN A 162 -14.15 -31.88 -27.97
N GLU A 163 -14.96 -32.56 -28.75
CA GLU A 163 -14.61 -32.86 -30.15
C GLU A 163 -14.42 -31.56 -30.93
N ILE A 164 -13.30 -31.46 -31.64
CA ILE A 164 -12.91 -30.25 -32.39
C ILE A 164 -13.34 -30.41 -33.85
N LYS A 165 -12.92 -31.51 -34.47
CA LYS A 165 -13.33 -31.82 -35.86
C LYS A 165 -12.97 -33.27 -36.17
N GLN A 166 -13.60 -33.83 -37.22
CA GLN A 166 -13.16 -35.16 -37.66
C GLN A 166 -11.79 -35.08 -38.34
N ARG A 167 -10.97 -36.10 -38.15
CA ARG A 167 -9.64 -36.14 -38.74
C ARG A 167 -9.68 -36.31 -40.27
N PHE A 168 -10.64 -37.09 -40.72
CA PHE A 168 -10.76 -37.46 -42.14
C PHE A 168 -12.21 -37.30 -42.58
N ASP A 169 -12.45 -37.39 -43.89
CA ASP A 169 -13.83 -37.37 -44.37
C ASP A 169 -14.60 -38.58 -43.86
N GLN A 170 -15.94 -38.49 -43.82
CA GLN A 170 -16.72 -39.56 -43.23
C GLN A 170 -16.53 -40.88 -43.96
N ASP A 171 -16.39 -40.82 -45.29
CA ASP A 171 -16.23 -42.06 -46.03
C ASP A 171 -14.98 -42.79 -45.57
N THR A 172 -13.89 -42.02 -45.40
CA THR A 172 -12.60 -42.58 -44.97
C THR A 172 -12.75 -43.21 -43.56
N ILE A 173 -13.39 -42.47 -42.66
CA ILE A 173 -13.63 -42.95 -41.29
C ILE A 173 -14.43 -44.26 -41.35
N ASN A 174 -15.52 -44.25 -42.11
CA ASN A 174 -16.34 -45.47 -42.27
C ASN A 174 -15.52 -46.68 -42.72
N GLN A 175 -14.67 -46.47 -43.74
CA GLN A 175 -13.86 -47.55 -44.27
C GLN A 175 -12.83 -48.05 -43.25
N LEU A 176 -12.17 -47.11 -42.57
CA LEU A 176 -11.24 -47.49 -41.51
C LEU A 176 -11.91 -48.30 -40.39
N LEU A 177 -13.08 -47.88 -39.96
CA LEU A 177 -13.81 -48.59 -38.91
C LEU A 177 -14.27 -50.00 -39.35
N ASP A 178 -14.54 -50.14 -40.65
CA ASP A 178 -14.90 -51.43 -41.22
C ASP A 178 -13.70 -52.40 -41.31
N ILE A 179 -12.57 -51.93 -41.85
CA ILE A 179 -11.43 -52.84 -42.10
C ILE A 179 -10.66 -53.24 -40.87
N LYS A 180 -10.62 -52.35 -39.86
CA LYS A 180 -9.97 -52.65 -38.57
C LYS A 180 -8.59 -53.27 -38.75
N TRP A 181 -7.66 -52.50 -39.32
CA TRP A 181 -6.31 -53.02 -39.57
C TRP A 181 -5.63 -53.54 -38.32
N TRP A 182 -5.97 -52.95 -37.17
CA TRP A 182 -5.35 -53.30 -35.88
C TRP A 182 -5.63 -54.75 -35.49
N ASN A 183 -6.69 -55.33 -36.09
CA ASN A 183 -7.05 -56.73 -35.86
C ASN A 183 -6.54 -57.72 -36.89
N TRP A 184 -5.83 -57.23 -37.90
CA TRP A 184 -5.18 -58.11 -38.89
C TRP A 184 -4.07 -58.93 -38.26
N PRO A 185 -3.78 -60.11 -38.85
CA PRO A 185 -2.59 -60.86 -38.43
C PRO A 185 -1.39 -59.95 -38.50
N ILE A 186 -0.54 -60.04 -37.48
CA ILE A 186 0.63 -59.18 -37.41
C ILE A 186 1.52 -59.27 -38.66
N ASP A 187 1.59 -60.42 -39.32
CA ASP A 187 2.39 -60.48 -40.55
C ASP A 187 1.77 -59.63 -41.66
N ILE A 188 0.43 -59.58 -41.70
CA ILE A 188 -0.28 -58.72 -42.67
C ILE A 188 -0.09 -57.24 -42.33
N ILE A 189 -0.20 -56.89 -41.03
CA ILE A 189 0.12 -55.52 -40.61
C ILE A 189 1.52 -55.12 -41.10
N ASN A 190 2.52 -55.96 -40.84
CA ASN A 190 3.89 -55.66 -41.21
C ASN A 190 4.05 -55.37 -42.70
N GLU A 191 3.35 -56.15 -43.54
CA GLU A 191 3.38 -55.98 -45.01
C GLU A 191 2.78 -54.64 -45.44
N ASN A 192 2.00 -54.03 -44.56
CA ASN A 192 1.16 -52.90 -44.93
C ASN A 192 1.34 -51.64 -44.09
N ILE A 193 2.41 -51.57 -43.29
CA ILE A 193 2.60 -50.39 -42.42
C ILE A 193 2.59 -49.05 -43.17
N ASP A 194 3.24 -49.02 -44.33
CA ASP A 194 3.33 -47.80 -45.11
C ASP A 194 1.93 -47.31 -45.48
N LYS A 195 1.04 -48.23 -45.82
CA LYS A 195 -0.33 -47.89 -46.26
C LYS A 195 -1.22 -47.55 -45.05
N ILE A 196 -0.93 -48.18 -43.92
CA ILE A 196 -1.61 -47.86 -42.65
C ILE A 196 -1.24 -46.42 -42.23
N LEU A 197 0.02 -46.08 -42.45
CA LEU A 197 0.54 -44.74 -42.11
C LEU A 197 0.02 -43.62 -43.01
N ASP A 198 -0.36 -43.96 -44.26
CA ASP A 198 -0.85 -42.91 -45.17
C ASP A 198 -2.33 -43.04 -45.53
N ASN A 199 -3.03 -43.96 -44.85
CA ASN A 199 -4.47 -44.19 -45.08
C ASN A 199 -4.87 -44.89 -46.41
N SER A 200 -3.87 -45.23 -47.23
CA SER A 200 -4.16 -45.91 -48.53
C SER A 200 -4.57 -47.36 -48.35
N ILE A 201 -4.58 -47.80 -47.10
CA ILE A 201 -5.02 -49.12 -46.74
C ILE A 201 -6.49 -49.34 -47.16
N ILE A 202 -7.28 -48.26 -47.18
CA ILE A 202 -8.68 -48.35 -47.60
C ILE A 202 -8.91 -48.28 -49.14
N ARG A 203 -7.85 -48.02 -49.89
CA ARG A 203 -8.00 -47.85 -51.37
C ARG A 203 -8.12 -49.21 -52.05
N MET B 1 -18.86 -40.65 18.09
CA MET B 1 -18.70 -39.16 18.24
C MET B 1 -17.70 -38.58 17.24
N GLY B 2 -16.88 -39.46 16.64
CA GLY B 2 -15.88 -39.02 15.69
C GLY B 2 -14.63 -38.48 16.37
N PRO B 3 -13.62 -38.11 15.56
CA PRO B 3 -12.36 -37.63 16.08
C PRO B 3 -12.48 -36.21 16.59
N ASN B 4 -11.47 -35.80 17.33
CA ASN B 4 -11.37 -34.41 17.79
C ASN B 4 -10.98 -33.52 16.60
N PRO B 5 -11.79 -32.49 16.28
CA PRO B 5 -11.49 -31.65 15.11
C PRO B 5 -10.22 -30.82 15.31
N MET B 6 -9.68 -30.82 16.53
CA MET B 6 -8.42 -30.11 16.81
C MET B 6 -7.19 -30.97 16.53
N LYS B 7 -7.41 -32.24 16.21
CA LYS B 7 -6.32 -33.18 15.92
C LYS B 7 -5.89 -33.02 14.45
N MET B 8 -4.63 -32.66 14.25
CA MET B 8 -4.06 -32.46 12.91
C MET B 8 -4.21 -33.69 12.01
N TYR B 9 -3.86 -34.85 12.54
CA TYR B 9 -3.93 -36.13 11.83
C TYR B 9 -4.92 -37.05 12.51
N PRO B 10 -6.23 -36.94 12.17
CA PRO B 10 -7.26 -37.65 12.95
C PRO B 10 -7.37 -39.16 12.69
N ILE B 11 -6.77 -39.66 11.61
CA ILE B 11 -6.84 -41.08 11.30
C ILE B 11 -5.54 -41.75 11.75
N GLU B 12 -5.67 -42.65 12.72
CA GLU B 12 -4.50 -43.38 13.25
C GLU B 12 -3.73 -44.13 12.16
N GLY B 13 -2.41 -43.93 12.17
CA GLY B 13 -1.52 -44.57 11.20
C GLY B 13 -1.36 -43.78 9.92
N ASN B 14 -2.25 -42.81 9.73
CA ASN B 14 -2.33 -42.00 8.51
C ASN B 14 -1.82 -40.58 8.79
N LYS B 15 -0.72 -40.23 8.12
CA LYS B 15 -0.18 -38.87 8.22
C LYS B 15 -0.35 -38.11 6.90
N SER B 16 -1.39 -38.46 6.14
CA SER B 16 -1.77 -37.74 4.91
C SER B 16 -3.12 -37.02 5.08
N VAL B 17 -4.15 -37.75 5.51
CA VAL B 17 -5.45 -37.10 5.82
C VAL B 17 -5.24 -36.13 6.99
N GLN B 18 -5.58 -34.86 6.79
CA GLN B 18 -5.26 -33.78 7.72
C GLN B 18 -6.49 -32.94 7.98
N PHE B 19 -6.81 -32.63 9.23
CA PHE B 19 -7.83 -31.59 9.50
C PHE B 19 -7.17 -30.23 9.24
N ILE B 20 -7.80 -29.41 8.39
CA ILE B 20 -7.16 -28.20 7.90
C ILE B 20 -7.09 -27.09 8.95
N LYS B 21 -8.08 -27.03 9.84
CA LYS B 21 -8.13 -26.00 10.88
C LYS B 21 -6.86 -26.04 11.75
N PRO B 22 -6.56 -27.19 12.41
CA PRO B 22 -5.28 -27.25 13.17
C PRO B 22 -4.03 -27.15 12.31
N ILE B 23 -4.08 -27.62 11.05
CA ILE B 23 -2.93 -27.45 10.12
C ILE B 23 -2.64 -25.97 9.82
N LEU B 24 -3.70 -25.16 9.70
CA LEU B 24 -3.55 -23.76 9.26
C LEU B 24 -3.61 -22.76 10.41
N GLU B 25 -3.53 -23.26 11.64
CA GLU B 25 -3.75 -22.48 12.86
C GLU B 25 -2.79 -21.28 12.93
N LYS B 26 -1.58 -21.47 12.45
CA LYS B 26 -0.53 -20.44 12.50
C LYS B 26 -0.74 -19.28 11.54
N LEU B 27 -1.64 -19.42 10.56
CA LEU B 27 -1.75 -18.44 9.47
C LEU B 27 -2.71 -17.29 9.73
N GLU B 28 -2.24 -16.06 9.49
CA GLU B 28 -3.06 -14.86 9.56
C GLU B 28 -4.02 -14.76 8.37
N ASN B 29 -5.17 -14.12 8.62
CA ASN B 29 -6.19 -13.88 7.59
C ASN B 29 -6.76 -15.17 6.97
N VAL B 30 -6.69 -16.26 7.74
CA VAL B 30 -7.24 -17.55 7.32
C VAL B 30 -8.20 -18.04 8.42
N GLU B 31 -9.45 -18.30 8.02
CA GLU B 31 -10.49 -18.81 8.93
C GLU B 31 -10.98 -20.13 8.37
N VAL B 32 -10.86 -21.22 9.13
CA VAL B 32 -11.20 -22.54 8.59
C VAL B 32 -12.13 -23.30 9.54
N GLY B 33 -13.18 -23.91 8.99
CA GLY B 33 -14.13 -24.61 9.83
C GLY B 33 -13.66 -26.00 10.24
N GLU B 34 -14.22 -26.46 11.34
CA GLU B 34 -13.95 -27.77 11.87
C GLU B 34 -14.36 -28.89 10.91
N TYR B 35 -13.65 -30.03 11.01
CA TYR B 35 -13.86 -31.25 10.23
C TYR B 35 -13.45 -31.20 8.77
N SER B 36 -13.32 -29.99 8.21
CA SER B 36 -12.80 -29.88 6.84
C SER B 36 -11.40 -30.53 6.79
N TYR B 37 -11.15 -31.33 5.74
CA TYR B 37 -9.90 -32.07 5.67
C TYR B 37 -9.21 -31.91 4.32
N TYR B 38 -7.90 -32.13 4.32
CA TYR B 38 -7.10 -32.20 3.09
C TYR B 38 -6.58 -33.62 2.94
N ASP B 39 -6.80 -34.18 1.76
CA ASP B 39 -6.41 -35.53 1.39
C ASP B 39 -5.04 -35.42 0.71
N SER B 40 -4.00 -35.34 1.51
CA SER B 40 -2.64 -35.06 1.01
C SER B 40 -2.17 -36.10 -0.02
N LYS B 41 -1.51 -35.66 -1.08
CA LYS B 41 -1.02 -36.60 -2.12
C LYS B 41 0.28 -37.32 -1.73
N ASN B 42 1.13 -36.64 -0.97
CA ASN B 42 2.48 -37.12 -0.66
C ASN B 42 2.90 -36.84 0.80
N GLY B 43 1.95 -36.45 1.64
CA GLY B 43 2.28 -36.05 3.00
C GLY B 43 2.51 -34.56 3.14
N GLU B 44 2.55 -33.82 2.03
CA GLU B 44 2.66 -32.36 2.10
C GLU B 44 1.48 -31.82 2.93
N THR B 45 1.72 -30.73 3.65
CA THR B 45 0.70 -30.14 4.53
C THR B 45 -0.05 -29.03 3.79
N PHE B 46 -1.33 -28.81 4.14
CA PHE B 46 -2.17 -27.93 3.34
C PHE B 46 -1.75 -26.46 3.29
N ASP B 47 -1.03 -26.01 4.31
CA ASP B 47 -0.49 -24.64 4.29
C ASP B 47 0.39 -24.35 3.06
N LYS B 48 1.08 -25.38 2.55
CA LYS B 48 1.93 -25.25 1.35
C LYS B 48 1.09 -25.10 0.07
N GLN B 49 -0.22 -25.37 0.19
CA GLN B 49 -1.14 -25.28 -0.96
C GLN B 49 -1.81 -23.90 -1.10
N ILE B 50 -1.62 -23.04 -0.09
CA ILE B 50 -2.19 -21.69 -0.11
C ILE B 50 -1.07 -20.78 -0.60
N LEU B 51 -1.27 -20.20 -1.79
CA LEU B 51 -0.19 -19.48 -2.49
C LEU B 51 -0.45 -17.98 -2.53
N TYR B 52 0.64 -17.21 -2.43
CA TYR B 52 0.61 -15.75 -2.57
C TYR B 52 -0.35 -15.06 -1.64
N HIS B 53 -0.40 -15.51 -0.39
CA HIS B 53 -1.26 -14.90 0.60
C HIS B 53 -0.37 -14.04 1.49
N TYR B 54 -0.44 -12.73 1.28
CA TYR B 54 0.46 -11.79 1.97
C TYR B 54 -0.36 -10.85 2.87
N PRO B 55 -0.04 -10.80 4.18
CA PRO B 55 -0.79 -9.98 5.14
C PRO B 55 -1.06 -8.54 4.67
N ILE B 56 -0.06 -7.90 4.07
CA ILE B 56 -0.18 -6.51 3.63
C ILE B 56 -1.31 -6.23 2.64
N LEU B 57 -1.71 -7.21 1.85
CA LEU B 57 -2.79 -7.04 0.90
C LEU B 57 -4.16 -7.18 1.54
N ASN B 58 -4.16 -7.74 2.75
CA ASN B 58 -5.32 -7.87 3.64
C ASN B 58 -6.50 -8.65 3.09
N ASP B 59 -6.25 -9.46 2.06
CA ASP B 59 -7.29 -10.36 1.57
C ASP B 59 -7.43 -11.53 2.52
N LYS B 60 -8.65 -12.04 2.65
CA LYS B 60 -8.92 -13.12 3.60
C LYS B 60 -9.27 -14.41 2.87
N LEU B 61 -8.89 -15.53 3.46
CA LEU B 61 -9.36 -16.86 3.05
C LEU B 61 -10.28 -17.41 4.14
N LYS B 62 -11.48 -17.86 3.75
CA LYS B 62 -12.41 -18.50 4.70
C LYS B 62 -12.88 -19.79 4.07
N ILE B 63 -12.80 -20.87 4.84
CA ILE B 63 -13.29 -22.18 4.39
C ILE B 63 -14.23 -22.66 5.47
N GLY B 64 -15.39 -23.16 5.08
CA GLY B 64 -16.40 -23.62 6.04
C GLY B 64 -16.03 -24.95 6.67
N LYS B 65 -17.03 -25.58 7.27
CA LYS B 65 -16.90 -26.83 7.99
C LYS B 65 -17.27 -27.99 7.06
N PHE B 66 -16.79 -29.20 7.40
CA PHE B 66 -17.17 -30.44 6.67
C PHE B 66 -16.86 -30.41 5.19
N CYS B 67 -15.81 -29.68 4.81
CA CYS B 67 -15.33 -29.72 3.44
C CYS B 67 -14.36 -30.88 3.20
N SER B 68 -14.35 -31.36 1.96
CA SER B 68 -13.46 -32.45 1.53
C SER B 68 -12.57 -31.85 0.43
N ILE B 69 -11.29 -31.68 0.74
CA ILE B 69 -10.37 -31.03 -0.22
C ILE B 69 -9.42 -32.07 -0.76
N GLY B 70 -9.49 -32.32 -2.08
CA GLY B 70 -8.72 -33.41 -2.67
C GLY B 70 -7.22 -33.07 -2.79
N PRO B 71 -6.41 -34.08 -3.12
CA PRO B 71 -4.96 -33.92 -3.22
C PRO B 71 -4.60 -32.87 -4.27
N GLY B 72 -3.63 -32.00 -3.96
CA GLY B 72 -3.07 -31.11 -4.97
C GLY B 72 -3.85 -29.82 -5.22
N VAL B 73 -5.02 -29.69 -4.60
CA VAL B 73 -5.78 -28.43 -4.65
C VAL B 73 -4.88 -27.28 -4.26
N THR B 74 -4.90 -26.21 -5.08
CA THR B 74 -4.22 -24.97 -4.68
C THR B 74 -5.20 -23.82 -4.57
N ILE B 75 -4.94 -22.95 -3.60
CA ILE B 75 -5.77 -21.77 -3.42
C ILE B 75 -4.88 -20.56 -3.68
N ILE B 76 -5.22 -19.76 -4.68
CA ILE B 76 -4.39 -18.65 -5.12
C ILE B 76 -4.95 -17.36 -4.53
N MET B 77 -4.20 -16.74 -3.62
CA MET B 77 -4.61 -15.47 -3.05
C MET B 77 -4.05 -14.33 -3.92
N ASN B 78 -4.14 -13.08 -3.47
CA ASN B 78 -3.96 -11.95 -4.40
C ASN B 78 -2.51 -11.53 -4.67
N GLY B 79 -1.56 -12.23 -4.04
CA GLY B 79 -0.19 -11.76 -4.02
C GLY B 79 0.59 -11.87 -5.32
N ALA B 80 0.07 -12.62 -6.29
CA ALA B 80 0.72 -12.74 -7.61
C ALA B 80 0.07 -11.86 -8.68
N ASN B 81 -0.87 -11.01 -8.25
CA ASN B 81 -1.57 -10.10 -9.15
C ASN B 81 -0.55 -9.08 -9.68
N HIS B 82 -0.63 -8.79 -10.97
CA HIS B 82 0.19 -7.72 -11.54
C HIS B 82 -0.68 -6.50 -11.67
N ARG B 83 -0.04 -5.34 -11.54
CA ARG B 83 -0.67 -4.06 -11.79
C ARG B 83 -1.08 -4.05 -13.27
N MET B 84 -2.27 -3.52 -13.57
CA MET B 84 -2.77 -3.63 -14.96
C MET B 84 -3.52 -2.45 -15.57
N ASP B 85 -3.42 -1.27 -14.94
CA ASP B 85 -3.95 -0.04 -15.55
C ASP B 85 -3.03 0.45 -16.69
N GLY B 86 -1.80 -0.08 -16.74
CA GLY B 86 -0.86 0.14 -17.85
C GLY B 86 -0.06 -1.15 -18.04
N SER B 87 1.25 -1.04 -18.11
CA SER B 87 2.10 -2.23 -18.24
C SER B 87 2.00 -3.12 -17.02
N THR B 88 1.91 -4.42 -17.28
CA THR B 88 1.95 -5.45 -16.25
C THR B 88 3.39 -5.79 -15.84
N TYR B 89 4.37 -5.14 -16.46
CA TYR B 89 5.76 -5.51 -16.13
C TYR B 89 6.12 -4.97 -14.74
N PRO B 90 6.58 -5.85 -13.85
CA PRO B 90 6.85 -5.42 -12.46
C PRO B 90 8.26 -4.81 -12.31
N PHE B 91 8.48 -3.62 -12.90
CA PHE B 91 9.79 -2.92 -12.82
C PHE B 91 10.34 -2.94 -11.38
N ASN B 92 9.46 -2.64 -10.41
CA ASN B 92 9.86 -2.60 -8.99
C ASN B 92 10.58 -3.84 -8.48
N LEU B 93 10.19 -5.02 -8.97
CA LEU B 93 10.80 -6.29 -8.53
C LEU B 93 12.33 -6.28 -8.64
N PHE B 94 12.84 -5.56 -9.64
CA PHE B 94 14.24 -5.66 -10.03
C PHE B 94 15.18 -4.72 -9.27
N GLY B 95 14.62 -3.78 -8.51
CA GLY B 95 15.45 -2.86 -7.72
C GLY B 95 16.37 -2.08 -8.64
N ASN B 96 17.60 -1.82 -8.19
CA ASN B 96 18.55 -1.10 -9.01
C ASN B 96 18.02 0.28 -9.47
N GLY B 97 17.20 0.92 -8.65
CA GLY B 97 16.56 2.19 -9.01
C GLY B 97 15.07 2.07 -9.31
N TRP B 98 14.67 0.93 -9.86
CA TRP B 98 13.28 0.72 -10.27
C TRP B 98 12.32 0.49 -9.11
N GLU B 99 12.84 0.23 -7.91
CA GLU B 99 11.99 0.05 -6.73
C GLU B 99 11.14 1.29 -6.42
N LYS B 100 11.52 2.46 -6.92
CA LYS B 100 10.70 3.65 -6.72
C LYS B 100 9.34 3.55 -7.46
N HIS B 101 9.23 2.60 -8.38
CA HIS B 101 7.96 2.37 -9.09
C HIS B 101 7.11 1.27 -8.45
N MET B 102 7.40 0.93 -7.20
CA MET B 102 6.54 0.06 -6.38
C MET B 102 5.10 0.54 -6.47
N PRO B 103 4.15 -0.36 -6.76
CA PRO B 103 2.76 0.09 -6.73
C PRO B 103 2.35 0.43 -5.31
N LYS B 104 1.49 1.43 -5.16
CA LYS B 104 0.88 1.71 -3.86
C LYS B 104 -0.25 0.70 -3.69
N LEU B 105 -0.72 0.53 -2.46
CA LEU B 105 -1.74 -0.48 -2.18
C LEU B 105 -2.97 -0.37 -3.06
N ASP B 106 -3.43 0.85 -3.28
CA ASP B 106 -4.64 1.08 -4.07
C ASP B 106 -4.40 1.05 -5.58
N GLN B 107 -3.16 0.73 -5.99
CA GLN B 107 -2.83 0.54 -7.41
C GLN B 107 -2.85 -0.94 -7.81
N LEU B 108 -2.87 -1.83 -6.82
CA LEU B 108 -2.88 -3.26 -7.10
C LEU B 108 -4.29 -3.83 -7.20
N PRO B 109 -4.56 -4.63 -8.25
CA PRO B 109 -5.92 -5.20 -8.32
C PRO B 109 -6.04 -6.13 -7.12
N ILE B 110 -7.17 -6.06 -6.43
CA ILE B 110 -7.56 -7.08 -5.45
C ILE B 110 -8.90 -7.61 -5.90
N LYS B 111 -8.91 -8.89 -6.26
CA LYS B 111 -10.08 -9.57 -6.77
C LYS B 111 -11.11 -9.83 -5.67
N GLY B 112 -10.69 -9.71 -4.42
CA GLY B 112 -11.57 -9.94 -3.27
C GLY B 112 -11.10 -11.06 -2.35
N ASP B 113 -11.88 -11.34 -1.32
CA ASP B 113 -11.58 -12.46 -0.44
C ASP B 113 -12.03 -13.75 -1.12
N THR B 114 -11.46 -14.87 -0.68
CA THR B 114 -11.86 -16.18 -1.15
C THR B 114 -12.67 -16.83 -0.05
N ILE B 115 -13.88 -17.25 -0.39
CA ILE B 115 -14.80 -17.83 0.61
C ILE B 115 -15.37 -19.15 0.10
N ILE B 116 -14.96 -20.25 0.74
CA ILE B 116 -15.47 -21.57 0.37
C ILE B 116 -16.45 -21.91 1.49
N GLY B 117 -17.65 -22.35 1.10
CA GLY B 117 -18.75 -22.63 2.05
C GLY B 117 -18.54 -23.91 2.87
N ASN B 118 -19.64 -24.39 3.45
CA ASN B 118 -19.68 -25.59 4.25
C ASN B 118 -20.08 -26.79 3.40
N ASP B 119 -19.57 -27.98 3.74
CA ASP B 119 -19.97 -29.23 3.05
C ASP B 119 -19.64 -29.20 1.55
N VAL B 120 -18.51 -28.58 1.21
CA VAL B 120 -18.06 -28.44 -0.18
C VAL B 120 -17.01 -29.50 -0.47
N TRP B 121 -17.15 -30.18 -1.60
CA TRP B 121 -16.13 -31.13 -2.04
C TRP B 121 -15.38 -30.54 -3.25
N ILE B 122 -14.06 -30.41 -3.10
CA ILE B 122 -13.20 -29.84 -4.16
C ILE B 122 -12.28 -30.98 -4.61
N GLY B 123 -12.38 -31.30 -5.89
CA GLY B 123 -11.70 -32.48 -6.44
C GLY B 123 -10.19 -32.31 -6.56
N LYS B 124 -9.50 -33.42 -6.84
CA LYS B 124 -8.06 -33.41 -7.06
C LYS B 124 -7.56 -32.29 -8.00
N ASP B 125 -6.47 -31.64 -7.61
CA ASP B 125 -5.72 -30.72 -8.47
C ASP B 125 -6.47 -29.47 -8.95
N VAL B 126 -7.60 -29.16 -8.29
CA VAL B 126 -8.36 -27.98 -8.62
C VAL B 126 -7.53 -26.73 -8.25
N VAL B 127 -7.62 -25.68 -9.06
CA VAL B 127 -7.01 -24.38 -8.74
C VAL B 127 -8.18 -23.43 -8.45
N ILE B 128 -8.15 -22.83 -7.27
CA ILE B 128 -9.09 -21.78 -6.91
C ILE B 128 -8.41 -20.42 -7.08
N MET B 129 -8.90 -19.63 -8.03
CA MET B 129 -8.29 -18.33 -8.35
C MET B 129 -8.74 -17.25 -7.32
N PRO B 130 -8.03 -16.11 -7.26
CA PRO B 130 -8.38 -15.08 -6.24
C PRO B 130 -9.84 -14.59 -6.32
N GLY B 131 -10.41 -14.29 -5.14
CA GLY B 131 -11.68 -13.58 -5.05
C GLY B 131 -12.94 -14.43 -5.21
N VAL B 132 -12.80 -15.75 -5.30
CA VAL B 132 -13.96 -16.58 -5.67
C VAL B 132 -14.75 -16.98 -4.42
N LYS B 133 -16.06 -17.09 -4.59
CA LYS B 133 -16.97 -17.59 -3.55
C LYS B 133 -17.59 -18.89 -4.03
N ILE B 134 -17.48 -19.94 -3.23
CA ILE B 134 -18.14 -21.22 -3.56
C ILE B 134 -19.17 -21.51 -2.49
N GLY B 135 -20.43 -21.72 -2.91
CA GLY B 135 -21.56 -21.86 -1.97
C GLY B 135 -21.56 -23.20 -1.25
N ASP B 136 -22.26 -23.25 -0.10
CA ASP B 136 -22.42 -24.51 0.65
C ASP B 136 -22.85 -25.65 -0.26
N GLY B 137 -22.29 -26.84 -0.06
CA GLY B 137 -22.75 -28.06 -0.73
C GLY B 137 -22.32 -28.23 -2.18
N ALA B 138 -21.55 -27.28 -2.71
CA ALA B 138 -21.09 -27.37 -4.10
C ALA B 138 -20.13 -28.54 -4.29
N ILE B 139 -19.98 -29.00 -5.52
CA ILE B 139 -18.98 -30.03 -5.80
C ILE B 139 -18.21 -29.50 -7.02
N VAL B 140 -16.89 -29.42 -6.89
CA VAL B 140 -16.03 -28.96 -7.97
C VAL B 140 -15.20 -30.13 -8.51
N ALA B 141 -15.39 -30.41 -9.80
CA ALA B 141 -14.72 -31.51 -10.49
C ALA B 141 -13.20 -31.43 -10.40
N ALA B 142 -12.56 -32.60 -10.31
CA ALA B 142 -11.11 -32.64 -10.42
C ALA B 142 -10.59 -31.82 -11.61
N ASN B 143 -9.41 -31.22 -11.42
CA ASN B 143 -8.70 -30.45 -12.44
C ASN B 143 -9.42 -29.16 -12.91
N SER B 144 -10.46 -28.74 -12.20
CA SER B 144 -11.10 -27.45 -12.51
C SER B 144 -10.18 -26.26 -12.18
N VAL B 145 -10.44 -25.13 -12.85
CA VAL B 145 -9.76 -23.86 -12.53
C VAL B 145 -10.91 -22.87 -12.31
N VAL B 146 -11.12 -22.51 -11.05
CA VAL B 146 -12.33 -21.80 -10.67
C VAL B 146 -12.02 -20.32 -10.65
N VAL B 147 -12.65 -19.56 -11.56
CA VAL B 147 -12.32 -18.14 -11.67
C VAL B 147 -13.49 -17.24 -11.26
N LYS B 148 -14.70 -17.78 -11.27
CA LYS B 148 -15.86 -17.01 -10.87
C LYS B 148 -16.65 -17.82 -9.81
N ASP B 149 -17.67 -17.20 -9.24
CA ASP B 149 -18.40 -17.81 -8.12
C ASP B 149 -19.17 -19.05 -8.56
N ILE B 150 -19.35 -19.97 -7.62
CA ILE B 150 -20.17 -21.17 -7.79
C ILE B 150 -21.27 -21.10 -6.73
N ALA B 151 -22.51 -21.27 -7.16
CA ALA B 151 -23.68 -21.19 -6.28
C ALA B 151 -23.79 -22.46 -5.41
N PRO B 152 -24.56 -22.39 -4.30
CA PRO B 152 -24.74 -23.54 -3.43
C PRO B 152 -25.30 -24.77 -4.15
N TYR B 153 -24.78 -25.93 -3.75
CA TYR B 153 -25.24 -27.24 -4.20
C TYR B 153 -25.25 -27.37 -5.72
N MET B 154 -24.28 -26.71 -6.36
CA MET B 154 -24.04 -26.89 -7.78
C MET B 154 -22.90 -27.87 -7.98
N LEU B 155 -23.02 -28.69 -9.03
CA LEU B 155 -21.87 -29.39 -9.60
C LEU B 155 -21.24 -28.43 -10.60
N ALA B 156 -19.94 -28.27 -10.52
CA ALA B 156 -19.21 -27.35 -11.39
C ALA B 156 -17.93 -28.03 -11.87
N GLY B 157 -17.46 -27.62 -13.04
CA GLY B 157 -16.20 -28.17 -13.51
C GLY B 157 -15.66 -27.43 -14.73
N GLY B 158 -14.39 -27.70 -15.03
CA GLY B 158 -13.78 -27.15 -16.25
C GLY B 158 -12.77 -26.05 -15.98
N ASN B 159 -12.20 -25.56 -17.08
CA ASN B 159 -11.19 -24.50 -17.03
C ASN B 159 -11.49 -23.56 -18.18
N PRO B 160 -12.16 -22.43 -17.90
CA PRO B 160 -12.61 -21.94 -16.59
C PRO B 160 -13.81 -22.76 -16.12
N ALA B 161 -13.95 -22.91 -14.81
CA ALA B 161 -15.04 -23.73 -14.31
C ALA B 161 -16.40 -23.09 -14.65
N ASN B 162 -17.37 -23.92 -15.01
CA ASN B 162 -18.75 -23.48 -15.13
C ASN B 162 -19.66 -24.41 -14.34
N GLU B 163 -20.76 -23.85 -13.86
CA GLU B 163 -21.83 -24.66 -13.26
C GLU B 163 -22.37 -25.61 -14.33
N ILE B 164 -22.49 -26.88 -13.95
CA ILE B 164 -22.94 -27.94 -14.82
C ILE B 164 -24.43 -28.16 -14.59
N LYS B 165 -24.81 -28.41 -13.32
CA LYS B 165 -26.23 -28.52 -12.95
C LYS B 165 -26.40 -28.48 -11.44
N GLN B 166 -27.62 -28.22 -10.99
CA GLN B 166 -27.94 -28.33 -9.56
C GLN B 166 -27.88 -29.78 -9.09
N ARG B 167 -27.36 -29.99 -7.88
CA ARG B 167 -27.32 -31.35 -7.36
C ARG B 167 -28.70 -31.87 -6.98
N PHE B 168 -29.53 -30.97 -6.48
CA PHE B 168 -30.85 -31.36 -5.95
C PHE B 168 -31.86 -30.32 -6.44
N ASP B 169 -33.15 -30.58 -6.24
CA ASP B 169 -34.16 -29.59 -6.63
C ASP B 169 -34.03 -28.34 -5.77
N GLN B 170 -34.53 -27.22 -6.28
CA GLN B 170 -34.37 -25.94 -5.61
C GLN B 170 -34.95 -25.90 -4.20
N ASP B 171 -36.10 -26.53 -4.02
CA ASP B 171 -36.74 -26.51 -2.69
C ASP B 171 -35.90 -27.27 -1.66
N THR B 172 -35.38 -28.44 -2.04
CA THR B 172 -34.43 -29.19 -1.21
C THR B 172 -33.22 -28.33 -0.86
N ILE B 173 -32.62 -27.70 -1.88
CA ILE B 173 -31.49 -26.77 -1.66
C ILE B 173 -31.85 -25.64 -0.66
N ASN B 174 -33.00 -24.99 -0.89
CA ASN B 174 -33.48 -23.95 -0.01
C ASN B 174 -33.57 -24.42 1.46
N GLN B 175 -34.15 -25.61 1.66
CA GLN B 175 -34.32 -26.16 3.00
C GLN B 175 -32.95 -26.47 3.65
N LEU B 176 -32.04 -27.04 2.88
CA LEU B 176 -30.68 -27.31 3.39
C LEU B 176 -30.00 -26.03 3.81
N LEU B 177 -30.11 -25.00 3.00
CA LEU B 177 -29.54 -23.69 3.33
C LEU B 177 -30.18 -23.04 4.55
N ASP B 178 -31.43 -23.39 4.86
CA ASP B 178 -32.08 -22.88 6.07
C ASP B 178 -31.63 -23.64 7.31
N ILE B 179 -31.57 -24.97 7.21
CA ILE B 179 -31.31 -25.80 8.40
C ILE B 179 -29.85 -25.72 8.87
N LYS B 180 -28.92 -25.58 7.93
CA LYS B 180 -27.48 -25.46 8.25
C LYS B 180 -27.05 -26.49 9.29
N TRP B 181 -27.20 -27.77 8.96
CA TRP B 181 -26.79 -28.86 9.87
C TRP B 181 -25.33 -28.72 10.33
N TRP B 182 -24.49 -28.18 9.46
CA TRP B 182 -23.05 -28.01 9.80
C TRP B 182 -22.79 -27.12 11.02
N ASN B 183 -23.76 -26.27 11.35
CA ASN B 183 -23.61 -25.43 12.53
C ASN B 183 -24.06 -26.04 13.86
N TRP B 184 -24.66 -27.22 13.82
CA TRP B 184 -25.05 -27.92 15.03
C TRP B 184 -23.83 -28.44 15.77
N PRO B 185 -23.93 -28.49 17.11
CA PRO B 185 -22.86 -29.16 17.88
C PRO B 185 -22.67 -30.59 17.36
N ILE B 186 -21.45 -31.09 17.42
CA ILE B 186 -21.16 -32.41 16.86
C ILE B 186 -21.92 -33.52 17.58
N ASP B 187 -22.18 -33.34 18.88
CA ASP B 187 -22.99 -34.32 19.61
C ASP B 187 -24.47 -34.32 19.21
N ILE B 188 -24.90 -33.29 18.49
CA ILE B 188 -26.22 -33.32 17.81
C ILE B 188 -26.08 -33.93 16.40
N ILE B 189 -25.11 -33.46 15.62
CA ILE B 189 -24.82 -34.06 14.31
C ILE B 189 -24.69 -35.59 14.37
N ASN B 190 -23.92 -36.06 15.37
CA ASN B 190 -23.70 -37.47 15.64
C ASN B 190 -24.96 -38.34 15.65
N GLU B 191 -26.10 -37.74 16.04
CA GLU B 191 -27.37 -38.47 16.13
C GLU B 191 -28.14 -38.46 14.82
N ASN B 192 -27.59 -37.77 13.82
CA ASN B 192 -28.31 -37.48 12.59
C ASN B 192 -27.51 -37.74 11.30
N ILE B 193 -26.36 -38.39 11.42
CA ILE B 193 -25.45 -38.47 10.26
C ILE B 193 -26.13 -39.23 9.12
N ASP B 194 -26.84 -40.30 9.43
CA ASP B 194 -27.51 -41.03 8.34
C ASP B 194 -28.50 -40.15 7.54
N LYS B 195 -29.23 -39.28 8.24
CA LYS B 195 -30.19 -38.35 7.61
C LYS B 195 -29.48 -37.24 6.84
N ILE B 196 -28.34 -36.82 7.37
CA ILE B 196 -27.49 -35.86 6.66
C ILE B 196 -26.94 -36.48 5.34
N LEU B 197 -26.61 -37.77 5.39
CA LEU B 197 -26.05 -38.46 4.23
C LEU B 197 -27.08 -38.75 3.14
N ASP B 198 -28.36 -38.85 3.52
CA ASP B 198 -29.38 -39.20 2.53
C ASP B 198 -30.36 -38.05 2.23
N ASN B 199 -30.09 -36.86 2.79
CA ASN B 199 -30.92 -35.65 2.62
C ASN B 199 -32.28 -35.62 3.33
N SER B 200 -32.61 -36.70 4.05
CA SER B 200 -33.90 -36.76 4.77
C SER B 200 -33.86 -35.88 6.02
N ILE B 201 -32.70 -35.30 6.31
CA ILE B 201 -32.56 -34.36 7.42
C ILE B 201 -33.57 -33.19 7.32
N ILE B 202 -33.96 -32.85 6.09
CA ILE B 202 -34.86 -31.71 5.90
C ILE B 202 -36.27 -32.00 6.43
N ARG B 203 -36.63 -33.28 6.51
CA ARG B 203 -37.96 -33.70 6.96
C ARG B 203 -38.14 -33.69 8.49
N MET C 1 19.41 3.13 -13.03
CA MET C 1 18.90 2.90 -14.42
C MET C 1 18.28 1.51 -14.60
N GLY C 2 18.08 0.81 -13.50
CA GLY C 2 17.46 -0.50 -13.55
C GLY C 2 18.46 -1.64 -13.61
N PRO C 3 17.94 -2.88 -13.73
CA PRO C 3 18.75 -4.08 -13.66
C PRO C 3 19.55 -4.30 -14.94
N ASN C 4 20.48 -5.24 -14.88
CA ASN C 4 21.33 -5.61 -16.00
C ASN C 4 20.69 -6.76 -16.80
N PRO C 5 20.28 -6.49 -18.04
CA PRO C 5 19.52 -7.51 -18.82
C PRO C 5 20.36 -8.73 -19.21
N MET C 6 21.69 -8.65 -19.04
CA MET C 6 22.54 -9.78 -19.40
C MET C 6 22.84 -10.71 -18.23
N LYS C 7 22.36 -10.37 -17.05
CA LYS C 7 22.46 -11.26 -15.91
C LYS C 7 21.33 -12.29 -15.92
N MET C 8 21.72 -13.56 -15.88
CA MET C 8 20.81 -14.67 -15.67
C MET C 8 19.96 -14.44 -14.42
N TYR C 9 20.60 -13.98 -13.34
CA TYR C 9 19.93 -13.68 -12.10
C TYR C 9 20.19 -12.22 -11.76
N PRO C 10 19.30 -11.32 -12.20
CA PRO C 10 19.55 -9.88 -12.06
C PRO C 10 19.43 -9.33 -10.63
N ILE C 11 18.76 -10.06 -9.75
CA ILE C 11 18.57 -9.66 -8.36
C ILE C 11 19.58 -10.40 -7.48
N GLU C 12 20.48 -9.65 -6.86
CA GLU C 12 21.50 -10.25 -6.00
C GLU C 12 20.83 -11.06 -4.90
N GLY C 13 21.37 -12.26 -4.66
CA GLY C 13 20.85 -13.17 -3.63
C GLY C 13 19.61 -13.97 -4.03
N ASN C 14 19.16 -13.79 -5.27
CA ASN C 14 17.91 -14.36 -5.73
C ASN C 14 18.19 -15.22 -6.94
N LYS C 15 17.87 -16.50 -6.82
CA LYS C 15 18.16 -17.49 -7.84
C LYS C 15 16.88 -18.04 -8.45
N SER C 16 15.78 -17.33 -8.21
CA SER C 16 14.43 -17.68 -8.69
C SER C 16 14.07 -16.82 -9.89
N VAL C 17 14.17 -15.51 -9.72
CA VAL C 17 13.85 -14.54 -10.77
C VAL C 17 14.98 -14.54 -11.79
N GLN C 18 14.66 -14.78 -13.08
CA GLN C 18 15.67 -14.96 -14.14
C GLN C 18 15.37 -14.10 -15.35
N PHE C 19 16.38 -13.49 -15.98
CA PHE C 19 16.16 -12.86 -17.28
C PHE C 19 16.34 -13.94 -18.35
N ILE C 20 15.35 -14.01 -19.23
CA ILE C 20 15.26 -15.13 -20.19
C ILE C 20 16.28 -14.98 -21.32
N LYS C 21 16.45 -13.76 -21.85
CA LYS C 21 17.41 -13.58 -22.98
C LYS C 21 18.81 -14.19 -22.74
N PRO C 22 19.50 -13.81 -21.64
CA PRO C 22 20.85 -14.38 -21.48
C PRO C 22 20.89 -15.90 -21.33
N ILE C 23 19.88 -16.48 -20.68
CA ILE C 23 19.75 -17.94 -20.55
C ILE C 23 19.58 -18.64 -21.90
N LEU C 24 18.76 -18.06 -22.77
CA LEU C 24 18.42 -18.74 -24.02
C LEU C 24 19.27 -18.33 -25.22
N GLU C 25 20.19 -17.39 -24.99
CA GLU C 25 21.00 -16.87 -26.11
C GLU C 25 21.78 -17.98 -26.82
N LYS C 26 22.18 -19.00 -26.06
CA LYS C 26 22.89 -20.17 -26.60
C LYS C 26 22.07 -20.98 -27.62
N LEU C 27 20.75 -20.77 -27.65
CA LEU C 27 19.84 -21.61 -28.42
C LEU C 27 19.55 -21.09 -29.82
N GLU C 28 19.78 -21.97 -30.80
CA GLU C 28 19.37 -21.82 -32.19
C GLU C 28 17.84 -21.70 -32.29
N ASN C 29 17.41 -20.79 -33.17
CA ASN C 29 16.00 -20.65 -33.55
C ASN C 29 15.15 -20.10 -32.38
N VAL C 30 15.81 -19.43 -31.44
CA VAL C 30 15.14 -18.70 -30.35
C VAL C 30 15.61 -17.24 -30.35
N GLU C 31 14.66 -16.32 -30.26
CA GLU C 31 14.99 -14.88 -30.12
C GLU C 31 14.19 -14.35 -28.93
N VAL C 32 14.87 -13.66 -28.02
CA VAL C 32 14.21 -13.15 -26.81
C VAL C 32 14.57 -11.70 -26.53
N GLY C 33 13.56 -10.91 -26.19
CA GLY C 33 13.82 -9.50 -25.89
C GLY C 33 14.38 -9.26 -24.50
N GLU C 34 15.05 -8.12 -24.35
CA GLU C 34 15.62 -7.68 -23.07
C GLU C 34 14.52 -7.51 -22.01
N TYR C 35 14.90 -7.78 -20.75
CA TYR C 35 14.10 -7.57 -19.53
C TYR C 35 12.98 -8.57 -19.31
N SER C 36 12.62 -9.32 -20.34
CA SER C 36 11.63 -10.39 -20.16
C SER C 36 12.14 -11.39 -19.11
N TYR C 37 11.30 -11.75 -18.14
CA TYR C 37 11.80 -12.60 -17.05
C TYR C 37 10.94 -13.80 -16.79
N TYR C 38 11.54 -14.79 -16.12
CA TYR C 38 10.83 -15.99 -15.67
C TYR C 38 10.90 -16.07 -14.14
N ASP C 39 9.74 -16.30 -13.53
CA ASP C 39 9.58 -16.39 -12.09
C ASP C 39 9.63 -17.88 -11.76
N SER C 40 10.82 -18.42 -11.48
CA SER C 40 11.05 -19.88 -11.33
C SER C 40 10.19 -20.56 -10.25
N LYS C 41 9.74 -21.78 -10.52
CA LYS C 41 8.85 -22.54 -9.63
C LYS C 41 9.64 -23.24 -8.52
N ASN C 42 10.72 -23.92 -8.91
CA ASN C 42 11.55 -24.70 -7.97
C ASN C 42 13.06 -24.44 -8.13
N GLY C 43 13.42 -23.31 -8.73
CA GLY C 43 14.81 -23.00 -9.07
C GLY C 43 15.27 -23.47 -10.45
N GLU C 44 14.37 -24.15 -11.18
CA GLU C 44 14.67 -24.62 -12.54
C GLU C 44 14.94 -23.42 -13.43
N THR C 45 15.83 -23.57 -14.41
CA THR C 45 16.10 -22.48 -15.35
C THR C 45 15.13 -22.55 -16.54
N PHE C 46 14.84 -21.39 -17.14
CA PHE C 46 13.78 -21.33 -18.13
C PHE C 46 14.00 -22.17 -19.42
N ASP C 47 15.26 -22.42 -19.76
CA ASP C 47 15.54 -23.34 -20.88
C ASP C 47 14.88 -24.71 -20.74
N LYS C 48 14.72 -25.18 -19.49
CA LYS C 48 14.04 -26.46 -19.17
C LYS C 48 12.54 -26.44 -19.49
N GLN C 49 12.00 -25.25 -19.71
CA GLN C 49 10.57 -25.06 -19.93
C GLN C 49 10.20 -25.04 -21.41
N ILE C 50 11.19 -25.10 -22.29
CA ILE C 50 10.97 -25.10 -23.74
C ILE C 50 11.15 -26.54 -24.21
N LEU C 51 10.05 -27.13 -24.68
CA LEU C 51 10.01 -28.56 -24.93
C LEU C 51 9.93 -28.85 -26.43
N TYR C 52 10.62 -29.92 -26.81
CA TYR C 52 10.57 -30.45 -28.17
C TYR C 52 10.97 -29.48 -29.26
N HIS C 53 11.99 -28.67 -28.97
CA HIS C 53 12.46 -27.72 -29.97
C HIS C 53 13.72 -28.27 -30.65
N TYR C 54 13.55 -28.75 -31.88
CA TYR C 54 14.63 -29.38 -32.61
C TYR C 54 14.96 -28.57 -33.87
N PRO C 55 16.24 -28.19 -34.04
CA PRO C 55 16.63 -27.37 -35.18
C PRO C 55 16.22 -27.95 -36.54
N ILE C 56 16.18 -29.28 -36.68
CA ILE C 56 15.81 -29.93 -37.96
C ILE C 56 14.40 -29.55 -38.44
N LEU C 57 13.48 -29.33 -37.50
CA LEU C 57 12.10 -28.95 -37.86
C LEU C 57 11.98 -27.48 -38.27
N ASN C 58 12.99 -26.71 -37.89
CA ASN C 58 13.15 -25.30 -38.27
C ASN C 58 12.02 -24.37 -37.81
N ASP C 59 11.25 -24.81 -36.82
CA ASP C 59 10.29 -23.91 -36.17
C ASP C 59 11.05 -22.94 -35.27
N LYS C 60 10.55 -21.70 -35.18
CA LYS C 60 11.20 -20.64 -34.41
C LYS C 60 10.34 -20.26 -33.22
N LEU C 61 11.03 -19.87 -32.14
CA LEU C 61 10.41 -19.27 -30.98
C LEU C 61 10.93 -17.82 -30.85
N LYS C 62 9.99 -16.88 -30.75
CA LYS C 62 10.32 -15.49 -30.47
C LYS C 62 9.52 -15.00 -29.27
N ILE C 63 10.19 -14.29 -28.36
CA ILE C 63 9.56 -13.66 -27.19
C ILE C 63 10.03 -12.20 -27.19
N GLY C 64 9.10 -11.26 -27.01
CA GLY C 64 9.43 -9.83 -27.05
C GLY C 64 10.11 -9.37 -25.77
N LYS C 65 10.16 -8.05 -25.61
CA LYS C 65 10.74 -7.39 -24.46
C LYS C 65 9.70 -7.17 -23.35
N PHE C 66 10.19 -7.03 -22.12
CA PHE C 66 9.37 -6.71 -20.95
C PHE C 66 8.19 -7.66 -20.76
N CYS C 67 8.41 -8.95 -21.04
CA CYS C 67 7.41 -9.98 -20.71
C CYS C 67 7.58 -10.50 -19.28
N SER C 68 6.49 -10.96 -18.69
CA SER C 68 6.46 -11.56 -17.35
C SER C 68 5.96 -12.99 -17.51
N ILE C 69 6.84 -13.96 -17.29
CA ILE C 69 6.48 -15.36 -17.52
C ILE C 69 6.40 -16.01 -16.15
N GLY C 70 5.21 -16.49 -15.81
CA GLY C 70 4.99 -17.03 -14.47
C GLY C 70 5.60 -18.43 -14.27
N PRO C 71 5.64 -18.89 -13.01
CA PRO C 71 6.29 -20.17 -12.70
C PRO C 71 5.60 -21.34 -13.39
N GLY C 72 6.41 -22.26 -13.92
CA GLY C 72 5.90 -23.47 -14.54
C GLY C 72 5.33 -23.38 -15.94
N VAL C 73 5.30 -22.17 -16.51
CA VAL C 73 4.93 -22.00 -17.93
C VAL C 73 5.79 -22.94 -18.79
N THR C 74 5.15 -23.65 -19.71
CA THR C 74 5.87 -24.49 -20.67
C THR C 74 5.55 -24.01 -22.08
N ILE C 75 6.56 -24.03 -22.94
CA ILE C 75 6.38 -23.68 -24.33
C ILE C 75 6.62 -24.95 -25.13
N ILE C 76 5.60 -25.37 -25.88
CA ILE C 76 5.64 -26.63 -26.62
C ILE C 76 5.95 -26.35 -28.07
N MET C 77 7.14 -26.75 -28.51
CA MET C 77 7.50 -26.60 -29.90
C MET C 77 7.05 -27.85 -30.66
N ASN C 78 7.43 -27.97 -31.94
CA ASN C 78 6.78 -28.99 -32.79
C ASN C 78 7.32 -30.42 -32.73
N GLY C 79 8.31 -30.68 -31.89
CA GLY C 79 9.04 -31.93 -31.95
C GLY C 79 8.36 -33.18 -31.44
N ALA C 80 7.21 -33.04 -30.79
CA ALA C 80 6.45 -34.20 -30.27
C ALA C 80 5.23 -34.50 -31.16
N ASN C 81 5.09 -33.78 -32.27
CA ASN C 81 3.95 -34.00 -33.21
C ASN C 81 4.06 -35.39 -33.82
N HIS C 82 2.97 -36.15 -33.80
CA HIS C 82 2.90 -37.43 -34.51
C HIS C 82 2.52 -37.22 -35.96
N ARG C 83 2.95 -38.13 -36.83
CA ARG C 83 2.47 -38.14 -38.19
C ARG C 83 0.98 -38.49 -38.12
N MET C 84 0.13 -37.84 -38.92
CA MET C 84 -1.31 -38.08 -38.78
C MET C 84 -2.15 -38.08 -40.08
N ASP C 85 -1.48 -38.28 -41.22
CA ASP C 85 -2.21 -38.52 -42.46
C ASP C 85 -2.86 -39.91 -42.46
N GLY C 86 -2.35 -40.79 -41.59
CA GLY C 86 -2.99 -42.10 -41.32
C GLY C 86 -2.89 -42.41 -39.84
N SER C 87 -2.37 -43.60 -39.50
CA SER C 87 -2.17 -43.94 -38.08
C SER C 87 -1.14 -43.03 -37.44
N THR C 88 -1.44 -42.60 -36.21
CA THR C 88 -0.51 -41.84 -35.38
C THR C 88 0.50 -42.73 -34.64
N TYR C 89 0.37 -44.06 -34.79
CA TYR C 89 1.26 -44.97 -34.13
C TYR C 89 2.69 -44.89 -34.69
N PRO C 90 3.67 -44.57 -33.82
CA PRO C 90 5.05 -44.34 -34.28
C PRO C 90 5.83 -45.66 -34.42
N PHE C 91 5.43 -46.46 -35.42
CA PHE C 91 6.05 -47.80 -35.64
C PHE C 91 7.58 -47.71 -35.59
N ASN C 92 8.13 -46.69 -36.27
CA ASN C 92 9.58 -46.56 -36.42
C ASN C 92 10.37 -46.50 -35.10
N LEU C 93 9.73 -45.97 -34.05
CA LEU C 93 10.35 -45.82 -32.72
C LEU C 93 10.90 -47.17 -32.21
N PHE C 94 10.26 -48.25 -32.60
CA PHE C 94 10.46 -49.55 -31.95
C PHE C 94 11.51 -50.44 -32.58
N GLY C 95 12.12 -49.98 -33.69
CA GLY C 95 13.14 -50.80 -34.36
C GLY C 95 12.64 -52.19 -34.73
N ASN C 96 13.52 -53.19 -34.64
CA ASN C 96 13.13 -54.57 -34.96
C ASN C 96 12.52 -54.72 -36.36
N GLY C 97 12.98 -53.89 -37.29
CA GLY C 97 12.51 -53.90 -38.66
C GLY C 97 11.58 -52.74 -38.97
N TRP C 98 10.89 -52.23 -37.96
CA TRP C 98 9.96 -51.10 -38.17
C TRP C 98 10.67 -49.77 -38.38
N GLU C 99 11.99 -49.73 -38.11
CA GLU C 99 12.74 -48.48 -38.29
C GLU C 99 12.71 -47.97 -39.74
N LYS C 100 12.42 -48.86 -40.68
CA LYS C 100 12.34 -48.49 -42.09
C LYS C 100 11.16 -47.53 -42.35
N HIS C 101 10.24 -47.46 -41.40
CA HIS C 101 9.03 -46.63 -41.51
C HIS C 101 9.16 -45.23 -40.90
N MET C 102 10.40 -44.75 -40.76
CA MET C 102 10.68 -43.39 -40.27
C MET C 102 9.96 -42.35 -41.14
N PRO C 103 9.26 -41.37 -40.51
CA PRO C 103 8.58 -40.33 -41.28
C PRO C 103 9.60 -39.42 -41.95
N LYS C 104 9.30 -39.00 -43.17
CA LYS C 104 10.07 -37.94 -43.84
C LYS C 104 9.81 -36.61 -43.15
N LEU C 105 10.73 -35.68 -43.27
CA LEU C 105 10.54 -34.35 -42.67
C LEU C 105 9.21 -33.76 -43.12
N ASP C 106 8.87 -33.96 -44.39
CA ASP C 106 7.65 -33.37 -44.92
C ASP C 106 6.36 -34.09 -44.51
N GLN C 107 6.51 -35.21 -43.80
CA GLN C 107 5.38 -35.95 -43.27
C GLN C 107 5.06 -35.56 -41.83
N LEU C 108 5.88 -34.71 -41.24
CA LEU C 108 5.64 -34.31 -39.86
C LEU C 108 4.90 -32.98 -39.80
N PRO C 109 3.68 -32.97 -39.19
CA PRO C 109 2.88 -31.72 -39.11
C PRO C 109 3.72 -30.62 -38.52
N ILE C 110 3.65 -29.44 -39.07
CA ILE C 110 4.30 -28.29 -38.43
C ILE C 110 3.26 -27.19 -38.24
N LYS C 111 2.99 -26.82 -36.98
CA LYS C 111 1.89 -25.88 -36.66
C LYS C 111 2.27 -24.44 -36.97
N GLY C 112 3.58 -24.18 -37.05
CA GLY C 112 4.13 -22.85 -37.33
C GLY C 112 5.09 -22.42 -36.22
N ASP C 113 5.55 -21.17 -36.28
CA ASP C 113 6.42 -20.61 -35.24
C ASP C 113 5.62 -20.18 -34.03
N THR C 114 6.29 -20.03 -32.89
CA THR C 114 5.63 -19.49 -31.69
C THR C 114 6.16 -18.10 -31.50
N ILE C 115 5.25 -17.12 -31.43
CA ILE C 115 5.65 -15.73 -31.30
C ILE C 115 4.87 -15.05 -30.17
N ILE C 116 5.60 -14.72 -29.10
CA ILE C 116 5.03 -13.98 -27.96
C ILE C 116 5.51 -12.55 -28.12
N GLY C 117 4.58 -11.60 -28.01
CA GLY C 117 4.89 -10.19 -28.27
C GLY C 117 5.63 -9.53 -27.10
N ASN C 118 5.53 -8.21 -27.05
CA ASN C 118 6.16 -7.41 -25.99
C ASN C 118 5.14 -7.11 -24.89
N ASP C 119 5.65 -6.92 -23.67
CA ASP C 119 4.84 -6.54 -22.52
C ASP C 119 3.69 -7.54 -22.27
N VAL C 120 3.97 -8.83 -22.49
CA VAL C 120 2.97 -9.88 -22.31
C VAL C 120 3.17 -10.57 -20.94
N TRP C 121 2.07 -10.77 -20.23
CA TRP C 121 2.09 -11.46 -18.96
C TRP C 121 1.44 -12.82 -19.15
N ILE C 122 2.25 -13.86 -18.97
CA ILE C 122 1.77 -15.27 -19.04
C ILE C 122 1.73 -15.79 -17.62
N GLY C 123 0.53 -16.19 -17.17
CA GLY C 123 0.34 -16.65 -15.79
C GLY C 123 0.96 -17.99 -15.43
N LYS C 124 0.94 -18.32 -14.15
CA LYS C 124 1.48 -19.59 -13.62
C LYS C 124 0.96 -20.79 -14.39
N ASP C 125 1.86 -21.72 -14.68
CA ASP C 125 1.54 -23.04 -15.24
C ASP C 125 0.83 -23.05 -16.58
N VAL C 126 0.85 -21.93 -17.31
CA VAL C 126 0.28 -21.90 -18.66
C VAL C 126 1.05 -22.85 -19.59
N VAL C 127 0.32 -23.50 -20.50
CA VAL C 127 0.95 -24.27 -21.59
C VAL C 127 0.71 -23.55 -22.91
N ILE C 128 1.80 -23.24 -23.60
CA ILE C 128 1.70 -22.59 -24.92
C ILE C 128 1.99 -23.69 -25.96
N MET C 129 0.94 -24.05 -26.68
CA MET C 129 0.99 -25.11 -27.69
C MET C 129 1.68 -24.60 -28.98
N PRO C 130 2.11 -25.52 -29.87
CA PRO C 130 2.85 -25.05 -31.04
C PRO C 130 2.11 -24.08 -31.97
N GLY C 131 2.87 -23.18 -32.60
CA GLY C 131 2.31 -22.38 -33.70
C GLY C 131 1.52 -21.15 -33.28
N VAL C 132 1.46 -20.86 -31.99
CA VAL C 132 0.64 -19.79 -31.42
C VAL C 132 1.33 -18.41 -31.51
N LYS C 133 0.55 -17.37 -31.80
CA LYS C 133 1.02 -16.00 -31.71
C LYS C 133 0.24 -15.26 -30.62
N ILE C 134 0.97 -14.58 -29.72
CA ILE C 134 0.34 -13.81 -28.65
C ILE C 134 0.77 -12.35 -28.79
N GLY C 135 -0.21 -11.46 -28.97
CA GLY C 135 0.06 -10.08 -29.32
C GLY C 135 0.58 -9.25 -28.15
N ASP C 136 1.22 -8.14 -28.46
CA ASP C 136 1.72 -7.20 -27.46
C ASP C 136 0.67 -6.89 -26.40
N GLY C 137 1.12 -6.78 -25.17
CA GLY C 137 0.27 -6.37 -24.04
C GLY C 137 -0.84 -7.33 -23.60
N ALA C 138 -0.91 -8.53 -24.19
CA ALA C 138 -1.90 -9.55 -23.75
C ALA C 138 -1.61 -10.06 -22.33
N ILE C 139 -2.66 -10.56 -21.67
CA ILE C 139 -2.55 -11.22 -20.38
C ILE C 139 -3.20 -12.59 -20.54
N VAL C 140 -2.44 -13.62 -20.18
CA VAL C 140 -2.95 -14.99 -20.25
C VAL C 140 -3.08 -15.52 -18.81
N ALA C 141 -4.31 -15.89 -18.44
CA ALA C 141 -4.62 -16.36 -17.10
C ALA C 141 -3.82 -17.61 -16.70
N ALA C 142 -3.48 -17.72 -15.43
CA ALA C 142 -2.86 -18.94 -14.88
C ALA C 142 -3.62 -20.19 -15.36
N ASN C 143 -2.86 -21.26 -15.61
CA ASN C 143 -3.38 -22.58 -16.01
C ASN C 143 -4.09 -22.65 -17.36
N SER C 144 -3.93 -21.61 -18.19
CA SER C 144 -4.49 -21.65 -19.56
C SER C 144 -3.70 -22.66 -20.40
N VAL C 145 -4.34 -23.16 -21.45
CA VAL C 145 -3.67 -23.92 -22.48
C VAL C 145 -3.97 -23.20 -23.80
N VAL C 146 -2.93 -22.54 -24.35
CA VAL C 146 -3.13 -21.63 -25.48
C VAL C 146 -2.90 -22.41 -26.75
N VAL C 147 -3.95 -22.54 -27.55
CA VAL C 147 -3.90 -23.37 -28.76
C VAL C 147 -4.07 -22.56 -30.05
N LYS C 148 -4.59 -21.35 -29.91
CA LYS C 148 -4.77 -20.44 -31.03
C LYS C 148 -4.30 -19.05 -30.65
N ASP C 149 -4.22 -18.19 -31.65
CA ASP C 149 -3.67 -16.85 -31.47
C ASP C 149 -4.47 -16.00 -30.49
N ILE C 150 -3.77 -15.10 -29.80
CA ILE C 150 -4.38 -14.13 -28.89
C ILE C 150 -4.01 -12.73 -29.40
N ALA C 151 -5.01 -11.88 -29.60
CA ALA C 151 -4.82 -10.54 -30.14
C ALA C 151 -4.13 -9.63 -29.13
N PRO C 152 -3.52 -8.53 -29.59
CA PRO C 152 -2.87 -7.61 -28.63
C PRO C 152 -3.82 -7.08 -27.55
N TYR C 153 -3.28 -6.89 -26.33
CA TYR C 153 -4.02 -6.25 -25.24
C TYR C 153 -5.34 -6.92 -24.91
N MET C 154 -5.42 -8.22 -25.20
CA MET C 154 -6.52 -9.05 -24.75
C MET C 154 -6.21 -9.72 -23.40
N LEU C 155 -7.22 -9.80 -22.54
CA LEU C 155 -7.24 -10.79 -21.46
C LEU C 155 -7.74 -12.11 -22.07
N ALA C 156 -7.00 -13.19 -21.81
CA ALA C 156 -7.36 -14.52 -22.35
C ALA C 156 -7.21 -15.54 -21.24
N GLY C 157 -7.96 -16.63 -21.31
CA GLY C 157 -7.87 -17.62 -20.25
C GLY C 157 -8.59 -18.90 -20.65
N GLY C 158 -8.22 -20.00 -19.99
CA GLY C 158 -8.97 -21.27 -20.13
C GLY C 158 -8.21 -22.35 -20.88
N ASN C 159 -8.85 -23.50 -21.02
CA ASN C 159 -8.31 -24.64 -21.74
C ASN C 159 -9.44 -25.26 -22.60
N PRO C 160 -9.48 -24.91 -23.91
CA PRO C 160 -8.54 -24.04 -24.61
C PRO C 160 -8.73 -22.57 -24.24
N ALA C 161 -7.65 -21.81 -24.32
CA ALA C 161 -7.71 -20.41 -23.96
C ALA C 161 -8.57 -19.66 -24.99
N ASN C 162 -9.46 -18.83 -24.49
CA ASN C 162 -10.20 -17.89 -25.33
C ASN C 162 -10.00 -16.47 -24.86
N GLU C 163 -10.15 -15.54 -25.80
CA GLU C 163 -10.13 -14.12 -25.45
C GLU C 163 -11.38 -13.82 -24.62
N ILE C 164 -11.16 -13.13 -23.51
CA ILE C 164 -12.24 -12.78 -22.57
C ILE C 164 -12.75 -11.37 -22.90
N LYS C 165 -11.82 -10.42 -22.95
CA LYS C 165 -12.14 -9.05 -23.34
C LYS C 165 -10.88 -8.24 -23.61
N GLN C 166 -11.06 -7.12 -24.29
CA GLN C 166 -9.96 -6.19 -24.46
C GLN C 166 -9.65 -5.48 -23.14
N ARG C 167 -8.37 -5.35 -22.81
CA ARG C 167 -7.97 -4.65 -21.58
C ARG C 167 -8.35 -3.15 -21.55
N PHE C 168 -8.23 -2.50 -22.69
CA PHE C 168 -8.47 -1.05 -22.84
C PHE C 168 -9.37 -0.83 -24.06
N ASP C 169 -9.90 0.40 -24.17
CA ASP C 169 -10.66 0.78 -25.37
C ASP C 169 -9.78 0.67 -26.65
N GLN C 170 -10.42 0.46 -27.80
CA GLN C 170 -9.67 0.26 -29.06
C GLN C 170 -8.68 1.37 -29.41
N ASP C 171 -9.06 2.62 -29.16
CA ASP C 171 -8.18 3.73 -29.50
C ASP C 171 -6.90 3.65 -28.66
N THR C 172 -7.06 3.38 -27.37
CA THR C 172 -5.93 3.22 -26.46
C THR C 172 -5.01 2.09 -26.91
N ILE C 173 -5.59 0.95 -27.27
CA ILE C 173 -4.81 -0.19 -27.77
C ILE C 173 -4.04 0.21 -29.01
N ASN C 174 -4.72 0.83 -29.97
CA ASN C 174 -4.05 1.23 -31.19
C ASN C 174 -2.94 2.27 -30.94
N GLN C 175 -3.20 3.21 -30.04
CA GLN C 175 -2.15 4.16 -29.63
C GLN C 175 -0.92 3.44 -29.04
N LEU C 176 -1.14 2.49 -28.11
CA LEU C 176 -0.02 1.72 -27.53
C LEU C 176 0.73 0.90 -28.59
N LEU C 177 0.00 0.31 -29.52
CA LEU C 177 0.65 -0.45 -30.60
C LEU C 177 1.49 0.43 -31.52
N ASP C 178 1.12 1.69 -31.64
CA ASP C 178 1.89 2.64 -32.44
C ASP C 178 3.13 3.16 -31.69
N ILE C 179 2.95 3.52 -30.41
CA ILE C 179 4.00 4.09 -29.54
C ILE C 179 5.17 3.11 -29.34
N LYS C 180 4.85 1.84 -29.10
CA LYS C 180 5.85 0.80 -28.84
C LYS C 180 6.89 1.28 -27.81
N TRP C 181 6.43 1.58 -26.60
CA TRP C 181 7.34 2.09 -25.55
C TRP C 181 8.51 1.14 -25.27
N TRP C 182 8.28 -0.16 -25.46
CA TRP C 182 9.30 -1.19 -25.21
C TRP C 182 10.53 -1.04 -26.10
N ASN C 183 10.36 -0.30 -27.19
CA ASN C 183 11.42 -0.04 -28.16
C ASN C 183 12.08 1.32 -28.01
N TRP C 184 11.63 2.09 -27.02
CA TRP C 184 12.24 3.37 -26.73
C TRP C 184 13.66 3.18 -26.21
N PRO C 185 14.52 4.20 -26.39
CA PRO C 185 15.81 4.17 -25.72
C PRO C 185 15.60 3.96 -24.23
N ILE C 186 16.45 3.12 -23.63
CA ILE C 186 16.32 2.75 -22.22
C ILE C 186 16.28 3.96 -21.27
N ASP C 187 17.05 5.02 -21.57
CA ASP C 187 17.00 6.20 -20.73
C ASP C 187 15.62 6.88 -20.78
N ILE C 188 14.99 6.85 -21.96
CA ILE C 188 13.63 7.40 -22.14
C ILE C 188 12.60 6.51 -21.44
N ILE C 189 12.75 5.19 -21.56
CA ILE C 189 11.91 4.28 -20.74
C ILE C 189 12.02 4.66 -19.25
N ASN C 190 13.25 4.69 -18.71
CA ASN C 190 13.48 5.08 -17.31
C ASN C 190 12.83 6.39 -16.87
N GLU C 191 12.87 7.40 -17.74
CA GLU C 191 12.25 8.71 -17.48
C GLU C 191 10.73 8.60 -17.35
N ASN C 192 10.15 7.55 -17.95
CA ASN C 192 8.70 7.46 -18.16
C ASN C 192 8.01 6.22 -17.55
N ILE C 193 8.71 5.49 -16.69
CA ILE C 193 8.13 4.23 -16.14
C ILE C 193 6.76 4.45 -15.47
N ASP C 194 6.63 5.48 -14.64
CA ASP C 194 5.34 5.70 -13.98
C ASP C 194 4.22 5.93 -15.00
N LYS C 195 4.55 6.56 -16.12
CA LYS C 195 3.56 6.81 -17.17
C LYS C 195 3.29 5.57 -18.01
N ILE C 196 4.30 4.72 -18.16
CA ILE C 196 4.10 3.42 -18.80
C ILE C 196 3.15 2.58 -17.91
N LEU C 197 3.33 2.69 -16.60
CA LEU C 197 2.55 1.93 -15.62
C LEU C 197 1.10 2.43 -15.46
N ASP C 198 0.87 3.73 -15.60
CA ASP C 198 -0.50 4.23 -15.49
C ASP C 198 -1.16 4.52 -16.86
N ASN C 199 -0.47 4.20 -17.95
CA ASN C 199 -1.00 4.36 -19.31
C ASN C 199 -1.07 5.79 -19.86
N SER C 200 -0.67 6.77 -19.04
CA SER C 200 -0.69 8.16 -19.48
C SER C 200 0.30 8.48 -20.61
N ILE C 201 1.19 7.53 -20.92
CA ILE C 201 2.02 7.64 -22.13
C ILE C 201 1.19 7.87 -23.39
N ILE C 202 -0.07 7.45 -23.38
CA ILE C 202 -0.92 7.61 -24.57
C ILE C 202 -1.22 9.09 -24.86
N ARG C 203 -0.99 9.93 -23.85
CA ARG C 203 -1.25 11.37 -23.95
C ARG C 203 0.04 12.16 -24.17
N MET D 1 -29.49 38.80 -2.47
CA MET D 1 -29.60 37.51 -1.70
C MET D 1 -28.24 36.96 -1.23
N GLY D 2 -27.22 37.81 -1.27
CA GLY D 2 -25.90 37.41 -0.81
C GLY D 2 -25.04 36.81 -1.91
N PRO D 3 -23.80 36.45 -1.53
CA PRO D 3 -22.79 36.02 -2.49
C PRO D 3 -23.13 34.65 -3.12
N ASN D 4 -22.44 34.34 -4.22
CA ASN D 4 -22.65 33.06 -4.92
C ASN D 4 -21.72 31.99 -4.32
N PRO D 5 -22.28 30.98 -3.63
CA PRO D 5 -21.41 30.03 -2.91
C PRO D 5 -20.55 29.13 -3.82
N MET D 6 -20.85 29.11 -5.12
CA MET D 6 -20.07 28.32 -6.08
C MET D 6 -18.87 29.08 -6.71
N LYS D 7 -18.71 30.36 -6.35
CA LYS D 7 -17.53 31.10 -6.84
C LYS D 7 -16.39 30.89 -5.88
N MET D 8 -15.23 30.47 -6.38
CA MET D 8 -14.04 30.44 -5.52
C MET D 8 -13.65 31.83 -4.98
N TYR D 9 -13.87 32.89 -5.77
CA TYR D 9 -13.64 34.27 -5.35
C TYR D 9 -14.97 35.04 -5.44
N PRO D 10 -15.77 34.94 -4.37
CA PRO D 10 -17.11 35.49 -4.40
C PRO D 10 -17.15 37.02 -4.49
N ILE D 11 -16.07 37.69 -4.08
CA ILE D 11 -16.07 39.17 -4.04
C ILE D 11 -15.30 39.70 -5.25
N GLU D 12 -15.99 40.46 -6.10
CA GLU D 12 -15.40 41.00 -7.33
C GLU D 12 -14.09 41.75 -7.08
N GLY D 13 -13.06 41.42 -7.88
CA GLY D 13 -11.74 42.07 -7.77
C GLY D 13 -10.90 41.63 -6.57
N ASN D 14 -11.44 40.70 -5.79
CA ASN D 14 -10.79 40.20 -4.59
C ASN D 14 -10.38 38.75 -4.81
N LYS D 15 -9.09 38.50 -4.83
CA LYS D 15 -8.63 37.13 -5.01
C LYS D 15 -8.05 36.56 -3.72
N SER D 16 -8.37 37.17 -2.58
CA SER D 16 -7.88 36.63 -1.29
C SER D 16 -8.95 35.90 -0.49
N VAL D 17 -10.15 36.47 -0.44
CA VAL D 17 -11.29 35.83 0.23
C VAL D 17 -11.80 34.75 -0.71
N GLN D 18 -11.88 33.52 -0.23
CA GLN D 18 -12.21 32.35 -1.06
C GLN D 18 -13.33 31.57 -0.41
N PHE D 19 -14.30 31.12 -1.20
CA PHE D 19 -15.23 30.13 -0.70
C PHE D 19 -14.60 28.74 -0.84
N ILE D 20 -14.60 28.01 0.27
CA ILE D 20 -13.85 26.74 0.32
C ILE D 20 -14.51 25.58 -0.43
N LYS D 21 -15.85 25.51 -0.38
CA LYS D 21 -16.59 24.41 -1.01
C LYS D 21 -16.25 24.20 -2.49
N PRO D 22 -16.42 25.25 -3.34
CA PRO D 22 -16.10 25.00 -4.75
C PRO D 22 -14.63 24.64 -5.00
N ILE D 23 -13.73 25.17 -4.17
CA ILE D 23 -12.31 24.88 -4.34
C ILE D 23 -12.01 23.40 -4.06
N LEU D 24 -12.60 22.88 -2.99
CA LEU D 24 -12.27 21.55 -2.52
C LEU D 24 -13.18 20.48 -3.08
N GLU D 25 -14.17 20.86 -3.88
CA GLU D 25 -15.15 19.89 -4.42
C GLU D 25 -14.51 18.75 -5.22
N LYS D 26 -13.36 19.03 -5.83
CA LYS D 26 -12.59 18.04 -6.60
C LYS D 26 -11.97 16.94 -5.72
N LEU D 27 -11.83 17.20 -4.41
CA LEU D 27 -11.12 16.27 -3.52
C LEU D 27 -12.00 15.17 -3.01
N GLU D 28 -11.52 13.92 -3.16
CA GLU D 28 -12.14 12.75 -2.52
C GLU D 28 -12.09 12.86 -1.03
N ASN D 29 -13.12 12.32 -0.36
CA ASN D 29 -13.16 12.19 1.11
C ASN D 29 -13.12 13.54 1.82
N VAL D 30 -13.63 14.58 1.13
CA VAL D 30 -13.77 15.92 1.70
C VAL D 30 -15.21 16.37 1.46
N GLU D 31 -15.84 16.92 2.49
CA GLU D 31 -17.17 17.54 2.37
C GLU D 31 -17.13 18.89 3.06
N VAL D 32 -17.63 19.92 2.37
CA VAL D 32 -17.56 21.29 2.85
C VAL D 32 -18.90 22.01 2.64
N GLY D 33 -19.32 22.71 3.68
CA GLY D 33 -20.54 23.52 3.64
C GLY D 33 -20.41 24.80 2.84
N GLU D 34 -21.56 25.23 2.32
CA GLU D 34 -21.65 26.49 1.59
C GLU D 34 -21.27 27.67 2.50
N TYR D 35 -20.75 28.72 1.88
CA TYR D 35 -20.43 30.02 2.50
C TYR D 35 -19.19 30.03 3.40
N SER D 36 -18.75 28.85 3.82
CA SER D 36 -17.48 28.77 4.58
C SER D 36 -16.35 29.36 3.73
N TYR D 37 -15.54 30.20 4.35
CA TYR D 37 -14.55 30.95 3.59
C TYR D 37 -13.14 30.87 4.19
N TYR D 38 -12.15 31.08 3.33
CA TYR D 38 -10.77 31.16 3.75
C TYR D 38 -10.25 32.56 3.42
N ASP D 39 -9.55 33.16 4.37
CA ASP D 39 -8.91 34.46 4.16
C ASP D 39 -7.44 34.21 3.84
N SER D 40 -7.08 34.23 2.55
CA SER D 40 -5.72 33.85 2.07
C SER D 40 -4.59 34.71 2.65
N LYS D 41 -3.51 34.05 3.06
CA LYS D 41 -2.33 34.72 3.61
C LYS D 41 -1.53 35.43 2.51
N ASN D 42 -1.16 34.66 1.48
CA ASN D 42 -0.25 35.13 0.42
C ASN D 42 -0.79 34.91 -1.00
N GLY D 43 -2.09 34.64 -1.13
CA GLY D 43 -2.73 34.34 -2.42
C GLY D 43 -2.94 32.86 -2.68
N GLU D 44 -2.39 32.01 -1.79
CA GLU D 44 -2.55 30.58 -1.90
C GLU D 44 -4.02 30.18 -1.76
N THR D 45 -4.42 29.15 -2.50
CA THR D 45 -5.78 28.63 -2.39
C THR D 45 -5.87 27.58 -1.29
N PHE D 46 -7.07 27.42 -0.73
CA PHE D 46 -7.21 26.61 0.48
C PHE D 46 -6.85 25.12 0.35
N ASP D 47 -7.00 24.57 -0.85
CA ASP D 47 -6.56 23.19 -1.10
C ASP D 47 -5.09 22.97 -0.66
N LYS D 48 -4.26 24.00 -0.77
CA LYS D 48 -2.83 23.95 -0.36
C LYS D 48 -2.62 23.78 1.14
N GLN D 49 -3.68 24.01 1.92
CA GLN D 49 -3.62 24.03 3.37
C GLN D 49 -4.08 22.69 3.97
N ILE D 50 -4.55 21.77 3.12
CA ILE D 50 -5.00 20.45 3.56
C ILE D 50 -3.87 19.48 3.26
N LEU D 51 -3.28 18.96 4.32
CA LEU D 51 -2.00 18.25 4.24
C LEU D 51 -2.13 16.75 4.54
N TYR D 52 -1.38 15.94 3.80
CA TYR D 52 -1.24 14.51 4.11
C TYR D 52 -2.57 13.76 4.04
N HIS D 53 -3.43 14.18 3.11
CA HIS D 53 -4.73 13.53 2.98
C HIS D 53 -4.67 12.56 1.81
N TYR D 54 -4.57 11.27 2.12
CA TYR D 54 -4.49 10.22 1.07
C TYR D 54 -5.70 9.29 1.09
N PRO D 55 -6.37 9.12 -0.08
CA PRO D 55 -7.56 8.25 -0.17
C PRO D 55 -7.37 6.86 0.44
N ILE D 56 -6.17 6.28 0.27
CA ILE D 56 -5.91 4.93 0.78
C ILE D 56 -6.09 4.81 2.30
N LEU D 57 -5.85 5.89 3.04
CA LEU D 57 -6.01 5.84 4.48
C LEU D 57 -7.47 5.95 4.90
N ASN D 58 -8.31 6.39 3.94
CA ASN D 58 -9.76 6.51 4.09
C ASN D 58 -10.28 7.41 5.25
N ASP D 59 -9.40 8.28 5.77
CA ASP D 59 -9.83 9.28 6.75
C ASP D 59 -10.60 10.40 6.02
N LYS D 60 -11.64 10.91 6.67
CA LYS D 60 -12.52 11.92 6.06
C LYS D 60 -12.31 13.27 6.71
N LEU D 61 -12.45 14.31 5.91
CA LEU D 61 -12.48 15.70 6.36
C LEU D 61 -13.87 16.25 6.07
N LYS D 62 -14.51 16.80 7.09
CA LYS D 62 -15.78 17.50 6.92
C LYS D 62 -15.68 18.87 7.56
N ILE D 63 -16.17 19.88 6.83
CA ILE D 63 -16.27 21.25 7.33
C ILE D 63 -17.69 21.73 7.07
N GLY D 64 -18.30 22.35 8.09
CA GLY D 64 -19.69 22.79 7.97
C GLY D 64 -19.87 24.06 7.14
N LYS D 65 -21.04 24.64 7.27
CA LYS D 65 -21.40 25.87 6.57
C LYS D 65 -21.10 27.08 7.45
N PHE D 66 -20.92 28.23 6.80
CA PHE D 66 -20.71 29.53 7.49
C PHE D 66 -19.52 29.54 8.45
N CYS D 67 -18.46 28.80 8.10
CA CYS D 67 -17.22 28.88 8.86
C CYS D 67 -16.32 30.01 8.35
N SER D 68 -15.50 30.54 9.26
CA SER D 68 -14.56 31.61 8.97
C SER D 68 -13.18 31.04 9.25
N ILE D 69 -12.39 30.82 8.21
CA ILE D 69 -11.06 30.21 8.37
C ILE D 69 -9.99 31.24 8.09
N GLY D 70 -9.19 31.55 9.10
CA GLY D 70 -8.17 32.59 9.00
C GLY D 70 -6.96 32.22 8.16
N PRO D 71 -6.14 33.22 7.82
CA PRO D 71 -4.99 32.96 6.95
C PRO D 71 -4.00 31.98 7.59
N GLY D 72 -3.46 31.10 6.75
CA GLY D 72 -2.40 30.16 7.19
C GLY D 72 -2.83 28.94 7.98
N VAL D 73 -4.12 28.84 8.30
CA VAL D 73 -4.68 27.63 8.92
C VAL D 73 -4.26 26.40 8.12
N THR D 74 -3.79 25.37 8.83
CA THR D 74 -3.53 24.07 8.21
C THR D 74 -4.37 22.97 8.85
N ILE D 75 -4.81 22.03 8.00
CA ILE D 75 -5.54 20.86 8.46
C ILE D 75 -4.68 19.64 8.15
N ILE D 76 -4.27 18.97 9.21
CA ILE D 76 -3.33 17.85 9.09
C ILE D 76 -4.12 16.54 9.13
N MET D 77 -4.14 15.85 8.01
CA MET D 77 -4.79 14.55 7.93
C MET D 77 -3.75 13.46 8.27
N ASN D 78 -4.15 12.19 8.17
CA ASN D 78 -3.34 11.12 8.79
C ASN D 78 -2.08 10.68 8.06
N GLY D 79 -1.81 11.26 6.90
CA GLY D 79 -0.78 10.74 6.00
C GLY D 79 0.67 10.95 6.41
N ALA D 80 0.89 11.74 7.45
CA ALA D 80 2.24 11.94 7.98
C ALA D 80 2.54 11.07 9.21
N ASN D 81 1.56 10.26 9.65
CA ASN D 81 1.78 9.40 10.82
C ASN D 81 2.82 8.32 10.50
N HIS D 82 3.76 8.15 11.42
CA HIS D 82 4.78 7.08 11.32
C HIS D 82 4.30 5.83 12.05
N ARG D 83 4.82 4.68 11.62
CA ARG D 83 4.64 3.45 12.37
C ARG D 83 5.37 3.61 13.69
N MET D 84 4.75 3.18 14.80
CA MET D 84 5.40 3.37 16.11
C MET D 84 5.30 2.23 17.14
N ASP D 85 5.05 1.00 16.69
CA ASP D 85 5.15 -0.14 17.61
C ASP D 85 6.61 -0.54 17.86
N GLY D 86 7.51 0.05 17.09
CA GLY D 86 8.95 -0.06 17.29
C GLY D 86 9.63 1.22 16.79
N SER D 87 10.67 1.09 15.96
CA SER D 87 11.32 2.27 15.38
C SER D 87 10.37 3.06 14.50
N THR D 88 10.43 4.40 14.64
CA THR D 88 9.66 5.31 13.78
C THR D 88 10.38 5.61 12.45
N TYR D 89 11.59 5.08 12.28
CA TYR D 89 12.36 5.39 11.09
C TYR D 89 11.70 4.69 9.90
N PRO D 90 11.35 5.44 8.83
CA PRO D 90 10.64 4.85 7.68
C PRO D 90 11.62 4.23 6.67
N PHE D 91 12.22 3.09 7.06
CA PHE D 91 13.18 2.40 6.21
C PHE D 91 12.67 2.27 4.80
N ASN D 92 11.40 1.86 4.68
CA ASN D 92 10.81 1.55 3.38
C ASN D 92 10.92 2.70 2.34
N LEU D 93 10.84 3.93 2.81
CA LEU D 93 10.94 5.11 1.91
C LEU D 93 12.24 5.18 1.10
N PHE D 94 13.31 4.58 1.62
CA PHE D 94 14.63 4.78 1.04
C PHE D 94 15.06 3.75 -0.03
N GLY D 95 14.17 2.78 -0.26
CA GLY D 95 14.39 1.75 -1.28
C GLY D 95 15.71 1.01 -1.11
N ASN D 96 16.38 0.74 -2.23
CA ASN D 96 17.61 -0.07 -2.23
C ASN D 96 17.45 -1.39 -1.44
N GLY D 97 16.28 -2.00 -1.53
CA GLY D 97 16.02 -3.22 -0.78
C GLY D 97 15.13 -3.04 0.43
N TRP D 98 15.08 -1.84 0.99
CA TRP D 98 14.27 -1.61 2.18
C TRP D 98 12.79 -1.43 1.87
N GLU D 99 12.45 -1.31 0.59
CA GLU D 99 11.03 -1.14 0.21
C GLU D 99 10.16 -2.32 0.66
N LYS D 100 10.77 -3.48 0.88
CA LYS D 100 10.02 -4.63 1.39
C LYS D 100 9.46 -4.41 2.81
N HIS D 101 9.97 -3.39 3.52
CA HIS D 101 9.57 -3.13 4.91
C HIS D 101 8.42 -2.13 4.99
N MET D 102 7.64 -2.03 3.92
CA MET D 102 6.51 -1.12 3.90
C MET D 102 5.50 -1.51 5.00
N PRO D 103 4.95 -0.50 5.70
CA PRO D 103 3.97 -0.79 6.73
C PRO D 103 2.63 -1.24 6.15
N LYS D 104 1.96 -2.12 6.89
CA LYS D 104 0.60 -2.53 6.58
C LYS D 104 -0.33 -1.40 7.01
N LEU D 105 -1.46 -1.23 6.33
CA LEU D 105 -2.44 -0.23 6.74
C LEU D 105 -2.78 -0.34 8.22
N ASP D 106 -2.90 -1.56 8.75
CA ASP D 106 -3.19 -1.74 10.19
C ASP D 106 -1.99 -1.45 11.12
N GLN D 107 -0.83 -1.16 10.53
CA GLN D 107 0.33 -0.73 11.31
C GLN D 107 0.40 0.79 11.37
N LEU D 108 -0.46 1.46 10.60
CA LEU D 108 -0.58 2.92 10.62
C LEU D 108 -2.01 3.36 10.98
N PRO D 109 -2.51 2.98 12.18
CA PRO D 109 -3.93 3.28 12.52
C PRO D 109 -4.21 4.79 12.56
N ILE D 110 -5.37 5.21 12.05
CA ILE D 110 -5.63 6.63 11.97
C ILE D 110 -6.12 7.16 13.31
N LYS D 111 -5.94 8.45 13.51
CA LYS D 111 -6.43 9.13 14.70
C LYS D 111 -7.92 9.42 14.55
N GLY D 112 -8.46 9.16 13.36
CA GLY D 112 -9.88 9.35 13.08
C GLY D 112 -10.12 10.40 12.01
N ASP D 113 -11.39 10.71 11.77
CA ASP D 113 -11.77 11.75 10.84
C ASP D 113 -11.63 13.14 11.47
N THR D 114 -11.55 14.17 10.65
CA THR D 114 -11.53 15.55 11.13
C THR D 114 -12.88 16.15 10.78
N ILE D 115 -13.58 16.60 11.80
CA ILE D 115 -14.93 17.15 11.59
C ILE D 115 -15.03 18.54 12.22
N ILE D 116 -15.16 19.56 11.37
CA ILE D 116 -15.31 20.90 11.84
C ILE D 116 -16.77 21.25 11.62
N GLY D 117 -17.43 21.76 12.65
CA GLY D 117 -18.87 22.04 12.56
C GLY D 117 -19.23 23.28 11.76
N ASN D 118 -20.46 23.75 12.01
CA ASN D 118 -21.02 24.93 11.35
C ASN D 118 -20.73 26.19 12.18
N ASP D 119 -20.57 27.32 11.50
CA ASP D 119 -20.40 28.60 12.17
C ASP D 119 -19.20 28.60 13.09
N VAL D 120 -18.13 27.93 12.67
CA VAL D 120 -16.89 27.83 13.46
C VAL D 120 -15.91 28.88 12.94
N TRP D 121 -15.32 29.66 13.85
CA TRP D 121 -14.28 30.61 13.46
C TRP D 121 -12.93 30.06 13.91
N ILE D 122 -12.04 29.83 12.95
CA ILE D 122 -10.68 29.35 13.22
C ILE D 122 -9.69 30.48 12.95
N GLY D 123 -8.97 30.91 14.00
CA GLY D 123 -8.03 32.02 13.87
C GLY D 123 -6.79 31.79 13.02
N LYS D 124 -6.06 32.87 12.75
CA LYS D 124 -4.84 32.85 11.96
C LYS D 124 -3.86 31.75 12.39
N ASP D 125 -3.32 31.02 11.41
CA ASP D 125 -2.19 30.08 11.64
C ASP D 125 -2.46 28.91 12.60
N VAL D 126 -3.74 28.66 12.88
CA VAL D 126 -4.13 27.49 13.67
C VAL D 126 -3.72 26.23 12.93
N VAL D 127 -3.25 25.23 13.69
CA VAL D 127 -3.02 23.90 13.16
C VAL D 127 -4.07 22.94 13.74
N ILE D 128 -4.78 22.26 12.85
CA ILE D 128 -5.75 21.25 13.26
C ILE D 128 -5.09 19.89 13.02
N MET D 129 -4.78 19.21 14.11
CA MET D 129 -4.09 17.92 14.05
C MET D 129 -5.09 16.78 13.69
N PRO D 130 -4.58 15.58 13.33
CA PRO D 130 -5.48 14.53 12.86
C PRO D 130 -6.54 14.10 13.87
N GLY D 131 -7.74 13.78 13.38
CA GLY D 131 -8.75 13.09 14.18
C GLY D 131 -9.60 14.02 15.05
N VAL D 132 -9.43 15.33 14.87
CA VAL D 132 -10.04 16.32 15.74
C VAL D 132 -11.48 16.64 15.31
N LYS D 133 -12.38 16.75 16.30
CA LYS D 133 -13.76 17.23 16.08
C LYS D 133 -13.93 18.61 16.76
N ILE D 134 -14.46 19.57 16.02
CA ILE D 134 -14.75 20.90 16.57
C ILE D 134 -16.23 21.18 16.38
N GLY D 135 -16.91 21.41 17.50
CA GLY D 135 -18.36 21.58 17.54
C GLY D 135 -18.85 22.86 16.87
N ASP D 136 -20.12 22.86 16.49
CA ASP D 136 -20.76 24.08 15.99
C ASP D 136 -20.50 25.29 16.90
N GLY D 137 -20.20 26.44 16.28
CA GLY D 137 -20.13 27.71 16.97
C GLY D 137 -18.87 27.95 17.78
N ALA D 138 -17.91 27.01 17.70
CA ALA D 138 -16.66 27.17 18.46
C ALA D 138 -15.81 28.32 17.88
N ILE D 139 -14.90 28.84 18.70
CA ILE D 139 -13.94 29.84 18.26
C ILE D 139 -12.58 29.31 18.70
N VAL D 140 -11.67 29.19 17.75
CA VAL D 140 -10.32 28.72 18.04
C VAL D 140 -9.35 29.88 17.84
N ALA D 141 -8.66 30.24 18.93
CA ALA D 141 -7.75 31.38 18.96
C ALA D 141 -6.62 31.22 17.94
N ALA D 142 -6.18 32.33 17.36
CA ALA D 142 -5.05 32.33 16.45
C ALA D 142 -3.89 31.56 17.10
N ASN D 143 -3.16 30.84 16.24
CA ASN D 143 -1.93 30.12 16.64
C ASN D 143 -2.14 28.90 17.53
N SER D 144 -3.38 28.49 17.71
CA SER D 144 -3.68 27.27 18.46
C SER D 144 -3.16 26.04 17.69
N VAL D 145 -2.83 24.99 18.43
CA VAL D 145 -2.54 23.68 17.85
C VAL D 145 -3.54 22.75 18.54
N VAL D 146 -4.54 22.33 17.75
CA VAL D 146 -5.70 21.61 18.28
C VAL D 146 -5.43 20.14 18.15
N VAL D 147 -5.30 19.46 19.29
CA VAL D 147 -4.97 18.04 19.29
C VAL D 147 -6.13 17.15 19.74
N LYS D 148 -7.06 17.74 20.47
CA LYS D 148 -8.21 17.01 20.97
C LYS D 148 -9.47 17.80 20.63
N ASP D 149 -10.62 17.19 20.86
CA ASP D 149 -11.91 17.79 20.48
C ASP D 149 -12.27 19.06 21.24
N ILE D 150 -13.03 19.93 20.58
CA ILE D 150 -13.53 21.15 21.16
C ILE D 150 -15.06 21.10 21.08
N ALA D 151 -15.73 21.33 22.21
CA ALA D 151 -17.19 21.19 22.30
C ALA D 151 -17.84 22.39 21.58
N PRO D 152 -19.15 22.28 21.25
CA PRO D 152 -19.84 23.39 20.58
C PRO D 152 -19.83 24.70 21.37
N TYR D 153 -19.71 25.83 20.67
CA TYR D 153 -19.78 27.16 21.26
C TYR D 153 -18.78 27.39 22.39
N MET D 154 -17.63 26.72 22.29
CA MET D 154 -16.51 26.96 23.20
C MET D 154 -15.51 27.91 22.57
N LEU D 155 -14.94 28.76 23.41
CA LEU D 155 -13.72 29.45 23.04
C LEU D 155 -12.58 28.51 23.46
N ALA D 156 -11.64 28.30 22.55
CA ALA D 156 -10.47 27.44 22.82
C ALA D 156 -9.21 28.10 22.30
N GLY D 157 -8.06 27.71 22.87
CA GLY D 157 -6.79 28.29 22.44
C GLY D 157 -5.59 27.61 23.08
N GLY D 158 -4.43 27.83 22.48
CA GLY D 158 -3.15 27.35 23.02
C GLY D 158 -2.53 26.23 22.22
N ASN D 159 -1.36 25.79 22.68
CA ASN D 159 -0.68 24.67 22.11
C ASN D 159 -0.09 23.81 23.23
N PRO D 160 -0.77 22.67 23.57
CA PRO D 160 -1.99 22.11 22.98
C PRO D 160 -3.20 22.98 23.30
N ALA D 161 -4.15 23.08 22.37
CA ALA D 161 -5.32 23.91 22.63
C ALA D 161 -6.19 23.35 23.77
N ASN D 162 -6.72 24.23 24.58
CA ASN D 162 -7.65 23.82 25.62
C ASN D 162 -8.86 24.73 25.57
N GLU D 163 -10.00 24.18 25.97
CA GLU D 163 -11.21 24.98 26.12
C GLU D 163 -11.00 25.99 27.24
N ILE D 164 -11.35 27.24 26.94
CA ILE D 164 -11.14 28.38 27.83
C ILE D 164 -12.43 28.70 28.56
N LYS D 165 -13.50 28.90 27.79
CA LYS D 165 -14.84 29.13 28.37
C LYS D 165 -15.94 28.92 27.34
N GLN D 166 -17.13 28.63 27.81
CA GLN D 166 -18.32 28.62 26.96
C GLN D 166 -18.68 30.04 26.57
N ARG D 167 -19.06 30.20 25.31
CA ARG D 167 -19.35 31.53 24.75
C ARG D 167 -20.66 32.07 25.30
N PHE D 168 -21.61 31.18 25.51
CA PHE D 168 -22.95 31.57 25.94
C PHE D 168 -23.37 30.65 27.08
N ASP D 169 -24.43 31.05 27.79
CA ASP D 169 -25.04 30.17 28.78
C ASP D 169 -25.50 28.89 28.08
N GLN D 170 -25.60 27.80 28.84
CA GLN D 170 -25.90 26.49 28.29
C GLN D 170 -27.27 26.41 27.59
N ASP D 171 -28.26 27.13 28.10
CA ASP D 171 -29.57 27.18 27.45
C ASP D 171 -29.47 27.73 26.03
N THR D 172 -28.80 28.87 25.90
CA THR D 172 -28.56 29.51 24.62
C THR D 172 -27.87 28.53 23.65
N ILE D 173 -26.84 27.82 24.14
CA ILE D 173 -26.12 26.84 23.31
C ILE D 173 -27.06 25.74 22.85
N ASN D 174 -27.83 25.19 23.79
CA ASN D 174 -28.78 24.14 23.49
C ASN D 174 -29.78 24.57 22.42
N GLN D 175 -30.30 25.79 22.53
CA GLN D 175 -31.30 26.27 21.57
C GLN D 175 -30.66 26.47 20.19
N LEU D 176 -29.47 27.06 20.14
CA LEU D 176 -28.73 27.18 18.87
C LEU D 176 -28.48 25.81 18.22
N LEU D 177 -28.04 24.83 19.01
CA LEU D 177 -27.77 23.51 18.46
C LEU D 177 -29.04 22.82 17.94
N ASP D 178 -30.19 23.20 18.48
CA ASP D 178 -31.47 22.63 18.05
C ASP D 178 -32.03 23.29 16.77
N ILE D 179 -31.97 24.61 16.68
CA ILE D 179 -32.59 25.33 15.55
C ILE D 179 -31.76 25.23 14.26
N LYS D 180 -30.43 25.12 14.40
CA LYS D 180 -29.52 24.96 13.26
C LYS D 180 -29.86 25.93 12.12
N TRP D 181 -29.70 27.22 12.40
CA TRP D 181 -29.99 28.28 11.42
C TRP D 181 -29.21 28.12 10.13
N TRP D 182 -28.00 27.53 10.22
CA TRP D 182 -27.14 27.30 9.05
C TRP D 182 -27.82 26.40 8.02
N ASN D 183 -28.78 25.60 8.47
CA ASN D 183 -29.51 24.69 7.59
C ASN D 183 -30.81 25.27 7.06
N TRP D 184 -31.15 26.50 7.45
CA TRP D 184 -32.37 27.14 6.93
C TRP D 184 -32.28 27.44 5.44
N PRO D 185 -33.44 27.44 4.75
CA PRO D 185 -33.44 27.93 3.37
C PRO D 185 -32.78 29.30 3.31
N ILE D 186 -31.95 29.53 2.29
CA ILE D 186 -31.22 30.79 2.14
C ILE D 186 -32.08 32.06 2.25
N ASP D 187 -33.30 32.03 1.72
CA ASP D 187 -34.18 33.18 1.79
C ASP D 187 -34.58 33.47 3.24
N ILE D 188 -34.78 32.39 4.01
CA ILE D 188 -35.08 32.50 5.45
C ILE D 188 -33.86 33.03 6.25
N ILE D 189 -32.67 32.47 5.98
CA ILE D 189 -31.43 33.04 6.53
C ILE D 189 -31.32 34.54 6.27
N ASN D 190 -31.44 34.95 5.00
CA ASN D 190 -31.35 36.35 4.59
C ASN D 190 -32.29 37.31 5.34
N GLU D 191 -33.52 36.85 5.58
CA GLU D 191 -34.53 37.61 6.31
C GLU D 191 -34.15 37.81 7.78
N ASN D 192 -33.23 36.99 8.26
CA ASN D 192 -32.94 36.88 9.70
C ASN D 192 -31.49 37.07 10.11
N ILE D 193 -30.66 37.58 9.19
CA ILE D 193 -29.22 37.72 9.47
C ILE D 193 -28.96 38.60 10.71
N ASP D 194 -29.70 39.71 10.84
CA ASP D 194 -29.59 40.55 12.05
C ASP D 194 -29.79 39.77 13.37
N LYS D 195 -30.75 38.83 13.37
CA LYS D 195 -31.08 38.01 14.54
C LYS D 195 -30.09 36.88 14.79
N ILE D 196 -29.53 36.36 13.70
CA ILE D 196 -28.42 35.41 13.76
C ILE D 196 -27.16 36.06 14.37
N LEU D 197 -26.89 37.29 13.95
CA LEU D 197 -25.74 38.06 14.43
C LEU D 197 -25.83 38.49 15.92
N ASP D 198 -27.04 38.70 16.41
CA ASP D 198 -27.21 39.12 17.80
C ASP D 198 -27.80 38.04 18.73
N ASN D 199 -27.94 36.81 18.22
CA ASN D 199 -28.41 35.65 18.99
C ASN D 199 -29.92 35.59 19.31
N SER D 200 -30.67 36.61 18.89
CA SER D 200 -32.12 36.65 19.12
C SER D 200 -32.94 35.67 18.27
N ILE D 201 -32.30 35.03 17.28
CA ILE D 201 -32.97 33.97 16.53
C ILE D 201 -33.51 32.94 17.48
N ILE D 202 -32.91 32.91 18.66
CA ILE D 202 -33.26 31.95 19.69
C ILE D 202 -34.71 32.16 20.19
N ARG D 203 -35.14 33.43 20.28
CA ARG D 203 -36.49 33.75 20.73
C ARG D 203 -37.38 34.27 19.59
N MET E 1 19.89 -3.40 1.39
CA MET E 1 21.01 -2.72 2.12
C MET E 1 20.73 -1.25 2.40
N GLY E 2 19.79 -0.68 1.65
CA GLY E 2 19.47 0.74 1.82
C GLY E 2 20.44 1.64 1.05
N PRO E 3 20.13 2.95 0.98
CA PRO E 3 20.97 3.86 0.18
C PRO E 3 22.24 4.18 0.95
N ASN E 4 23.17 4.81 0.25
CA ASN E 4 24.38 5.32 0.86
C ASN E 4 24.07 6.50 1.78
N PRO E 5 24.42 6.41 3.08
CA PRO E 5 24.10 7.51 4.01
C PRO E 5 24.83 8.81 3.66
N MET E 6 25.84 8.73 2.79
CA MET E 6 26.61 9.91 2.38
C MET E 6 26.00 10.61 1.17
N LYS E 7 24.91 10.04 0.64
CA LYS E 7 24.19 10.64 -0.48
C LYS E 7 23.23 11.71 0.03
N MET E 8 23.43 12.96 -0.40
CA MET E 8 22.59 14.09 0.06
C MET E 8 21.11 13.86 -0.22
N TYR E 9 20.81 13.38 -1.42
CA TYR E 9 19.42 13.12 -1.86
C TYR E 9 19.28 11.64 -2.20
N PRO E 10 18.93 10.81 -1.20
CA PRO E 10 19.03 9.35 -1.36
C PRO E 10 17.93 8.74 -2.24
N ILE E 11 16.80 9.43 -2.38
CA ILE E 11 15.71 8.97 -3.24
C ILE E 11 15.81 9.70 -4.59
N GLU E 12 16.14 8.95 -5.65
CA GLU E 12 16.45 9.55 -6.97
C GLU E 12 15.27 10.36 -7.54
N GLY E 13 14.06 9.85 -7.34
CA GLY E 13 12.85 10.59 -7.72
C GLY E 13 12.43 11.64 -6.70
N ASN E 14 13.41 12.35 -6.12
CA ASN E 14 13.15 13.18 -4.94
C ASN E 14 14.28 14.12 -4.49
N LYS E 15 13.98 15.41 -4.47
CA LYS E 15 14.95 16.42 -4.03
C LYS E 15 14.51 17.08 -2.73
N SER E 16 13.40 16.61 -2.16
CA SER E 16 12.91 17.11 -0.88
C SER E 16 13.47 16.33 0.31
N VAL E 17 13.60 15.01 0.14
CA VAL E 17 14.11 14.16 1.21
C VAL E 17 15.66 14.22 1.19
N GLN E 18 16.25 14.58 2.32
CA GLN E 18 17.69 14.87 2.41
C GLN E 18 18.30 14.08 3.55
N PHE E 19 19.44 13.41 3.33
CA PHE E 19 20.22 12.87 4.47
C PHE E 19 20.99 14.04 5.08
N ILE E 20 20.76 14.26 6.36
CA ILE E 20 21.24 15.47 7.03
C ILE E 20 22.77 15.50 7.17
N LYS E 21 23.39 14.34 7.41
CA LYS E 21 24.83 14.31 7.60
C LYS E 21 25.60 14.89 6.39
N PRO E 22 25.36 14.37 5.16
CA PRO E 22 26.04 15.06 4.05
C PRO E 22 25.60 16.50 3.80
N ILE E 23 24.31 16.79 4.01
CA ILE E 23 23.75 18.17 3.87
C ILE E 23 24.49 19.14 4.79
N LEU E 24 24.89 18.67 5.98
CA LEU E 24 25.47 19.54 7.01
C LEU E 24 27.00 19.47 7.11
N GLU E 25 27.65 18.84 6.14
CA GLU E 25 29.09 18.57 6.25
C GLU E 25 29.94 19.84 6.34
N LYS E 26 29.46 20.91 5.72
CA LYS E 26 30.20 22.18 5.69
C LYS E 26 30.19 22.92 7.06
N LEU E 27 29.38 22.45 8.01
CA LEU E 27 29.15 23.17 9.26
C LEU E 27 30.05 22.71 10.41
N GLU E 28 30.79 23.66 11.00
CA GLU E 28 31.62 23.38 12.17
C GLU E 28 30.72 23.13 13.38
N ASN E 29 31.23 22.36 14.35
CA ASN E 29 30.57 22.14 15.66
C ASN E 29 29.21 21.42 15.55
N VAL E 30 29.06 20.67 14.46
CA VAL E 30 27.85 19.91 14.16
C VAL E 30 28.23 18.46 13.88
N GLU E 31 27.67 17.54 14.66
CA GLU E 31 27.89 16.11 14.45
C GLU E 31 26.53 15.45 14.24
N VAL E 32 26.38 14.74 13.11
CA VAL E 32 25.08 14.22 12.69
C VAL E 32 25.23 12.75 12.32
N GLY E 33 24.33 11.93 12.86
CA GLY E 33 24.38 10.50 12.61
C GLY E 33 23.85 10.14 11.24
N GLU E 34 24.38 9.03 10.71
CA GLU E 34 23.94 8.47 9.44
C GLU E 34 22.44 8.11 9.43
N TYR E 35 21.85 8.25 8.24
CA TYR E 35 20.46 7.88 7.95
C TYR E 35 19.41 8.88 8.44
N SER E 36 19.78 9.73 9.39
CA SER E 36 18.87 10.80 9.82
C SER E 36 18.50 11.69 8.62
N TYR E 37 17.23 12.01 8.48
CA TYR E 37 16.81 12.73 7.29
C TYR E 37 15.91 13.89 7.64
N TYR E 38 15.82 14.82 6.71
CA TYR E 38 14.97 15.98 6.80
C TYR E 38 14.03 15.91 5.60
N ASP E 39 12.75 16.17 5.85
CA ASP E 39 11.81 16.29 4.75
C ASP E 39 11.55 17.76 4.49
N SER E 40 12.15 18.31 3.43
CA SER E 40 12.12 19.75 3.12
C SER E 40 10.71 20.31 2.92
N LYS E 41 10.50 21.55 3.40
CA LYS E 41 9.18 22.18 3.34
C LYS E 41 8.94 22.83 1.98
N ASN E 42 9.95 23.58 1.51
CA ASN E 42 9.86 24.36 0.27
C ASN E 42 11.09 24.18 -0.64
N GLY E 43 11.89 23.13 -0.39
CA GLY E 43 13.11 22.88 -1.17
C GLY E 43 14.38 23.34 -0.46
N GLU E 44 14.20 24.03 0.68
CA GLU E 44 15.33 24.48 1.49
C GLU E 44 16.10 23.28 1.99
N THR E 45 17.40 23.46 2.11
CA THR E 45 18.25 22.41 2.63
C THR E 45 18.35 22.62 4.15
N PHE E 46 18.60 21.54 4.89
CA PHE E 46 18.51 21.57 6.34
C PHE E 46 19.47 22.52 7.06
N ASP E 47 20.59 22.84 6.41
CA ASP E 47 21.55 23.80 6.97
C ASP E 47 20.91 25.14 7.28
N LYS E 48 19.88 25.49 6.51
CA LYS E 48 19.15 26.74 6.66
C LYS E 48 18.26 26.74 7.88
N GLN E 49 18.12 25.57 8.50
CA GLN E 49 17.22 25.40 9.63
C GLN E 49 18.00 25.45 10.96
N ILE E 50 19.33 25.53 10.86
CA ILE E 50 20.20 25.58 12.05
C ILE E 50 20.57 27.04 12.26
N LEU E 51 20.05 27.62 13.34
CA LEU E 51 20.08 29.07 13.54
C LEU E 51 20.97 29.48 14.69
N TYR E 52 21.57 30.66 14.56
CA TYR E 52 22.29 31.30 15.67
C TYR E 52 23.42 30.41 16.19
N HIS E 53 24.08 29.68 15.29
CA HIS E 53 25.17 28.79 15.69
C HIS E 53 26.50 29.45 15.34
N TYR E 54 27.10 30.06 16.35
CA TYR E 54 28.34 30.81 16.17
C TYR E 54 29.53 30.12 16.87
N PRO E 55 30.63 29.92 16.13
CA PRO E 55 31.85 29.25 16.63
C PRO E 55 32.44 29.87 17.91
N ILE E 56 32.30 31.19 18.10
CA ILE E 56 32.90 31.85 19.28
C ILE E 56 32.34 31.28 20.58
N LEU E 57 31.05 30.96 20.58
CA LEU E 57 30.38 30.42 21.77
C LEU E 57 30.73 28.96 22.05
N ASN E 58 31.24 28.28 21.02
CA ASN E 58 31.70 26.89 21.10
C ASN E 58 30.65 25.85 21.57
N ASP E 59 29.37 26.21 21.45
CA ASP E 59 28.31 25.24 21.72
C ASP E 59 28.25 24.23 20.55
N LYS E 60 27.90 23.00 20.88
CA LYS E 60 27.85 21.92 19.90
C LYS E 60 26.42 21.48 19.64
N LEU E 61 26.17 21.09 18.39
CA LEU E 61 24.94 20.39 18.03
C LEU E 61 25.31 18.95 17.69
N LYS E 62 24.67 18.00 18.38
CA LYS E 62 24.81 16.59 18.06
C LYS E 62 23.42 16.02 17.75
N ILE E 63 23.31 15.33 16.62
CA ILE E 63 22.08 14.61 16.28
C ILE E 63 22.47 13.15 16.02
N GLY E 64 21.68 12.22 16.55
CA GLY E 64 22.00 10.79 16.39
C GLY E 64 21.65 10.28 15.00
N LYS E 65 21.62 8.96 14.91
CA LYS E 65 21.34 8.20 13.68
C LYS E 65 19.86 7.84 13.61
N PHE E 66 19.38 7.58 12.40
CA PHE E 66 18.00 7.13 12.16
C PHE E 66 16.93 8.07 12.71
N CYS E 67 17.20 9.37 12.68
CA CYS E 67 16.19 10.34 13.09
C CYS E 67 15.32 10.73 11.91
N SER E 68 14.09 11.13 12.21
CA SER E 68 13.15 11.58 11.16
C SER E 68 12.82 13.02 11.54
N ILE E 69 13.21 13.98 10.71
CA ILE E 69 13.02 15.40 11.05
C ILE E 69 12.03 16.01 10.06
N GLY E 70 10.88 16.45 10.58
CA GLY E 70 9.83 16.96 9.73
C GLY E 70 10.14 18.31 9.09
N PRO E 71 9.34 18.69 8.09
CA PRO E 71 9.55 19.95 7.38
C PRO E 71 9.44 21.13 8.33
N GLY E 72 10.33 22.10 8.15
CA GLY E 72 10.25 23.34 8.92
C GLY E 72 10.80 23.33 10.32
N VAL E 73 11.24 22.16 10.83
CA VAL E 73 11.90 22.12 12.15
C VAL E 73 13.06 23.12 12.16
N THR E 74 13.21 23.84 13.28
CA THR E 74 14.38 24.71 13.46
C THR E 74 15.09 24.34 14.75
N ILE E 75 16.42 24.47 14.72
CA ILE E 75 17.28 24.20 15.85
C ILE E 75 17.98 25.52 16.22
N ILE E 76 17.73 26.00 17.43
CA ILE E 76 18.18 27.32 17.84
C ILE E 76 19.37 27.14 18.76
N MET E 77 20.52 27.57 18.28
CA MET E 77 21.75 27.46 19.07
C MET E 77 21.92 28.74 19.91
N ASN E 78 23.01 28.85 20.66
CA ASN E 78 23.10 29.88 21.72
C ASN E 78 23.33 31.32 21.27
N GLY E 79 23.55 31.52 19.98
CA GLY E 79 23.73 32.86 19.41
C GLY E 79 22.51 33.78 19.53
N ALA E 80 21.36 33.21 19.91
CA ALA E 80 20.14 34.01 20.09
C ALA E 80 20.07 34.67 21.47
N ASN E 81 20.85 34.14 22.42
CA ASN E 81 20.84 34.58 23.81
C ASN E 81 21.33 36.03 23.93
N HIS E 82 20.53 36.87 24.58
CA HIS E 82 20.99 38.21 24.92
C HIS E 82 21.65 38.15 26.28
N ARG E 83 22.58 39.07 26.54
CA ARG E 83 23.15 39.22 27.87
C ARG E 83 22.03 39.66 28.81
N MET E 84 21.94 39.09 30.01
CA MET E 84 20.79 39.40 30.86
C MET E 84 20.99 39.59 32.37
N ASP E 85 22.22 39.91 32.79
CA ASP E 85 22.48 40.33 34.16
C ASP E 85 22.09 41.80 34.36
N GLY E 86 21.80 42.49 33.27
CA GLY E 86 21.22 43.84 33.34
C GLY E 86 20.36 43.98 32.11
N SER E 87 20.56 45.08 31.37
CA SER E 87 19.79 45.30 30.14
C SER E 87 20.11 44.24 29.11
N THR E 88 19.06 43.75 28.45
CA THR E 88 19.17 42.83 27.31
C THR E 88 19.45 43.57 26.00
N TYR E 89 19.50 44.90 26.04
CA TYR E 89 19.74 45.64 24.80
C TYR E 89 21.18 45.50 24.34
N PRO E 90 21.38 45.05 23.08
CA PRO E 90 22.74 44.73 22.62
C PRO E 90 23.44 45.96 22.09
N PHE E 91 23.78 46.89 22.99
CA PHE E 91 24.45 48.14 22.62
C PHE E 91 25.56 47.85 21.64
N ASN E 92 26.39 46.86 21.98
CA ASN E 92 27.59 46.54 21.22
C ASN E 92 27.36 46.34 19.73
N LEU E 93 26.17 45.84 19.37
CA LEU E 93 25.85 45.52 17.99
C LEU E 93 25.89 46.76 17.09
N PHE E 94 25.60 47.92 17.67
CA PHE E 94 25.39 49.11 16.87
C PHE E 94 26.65 49.95 16.63
N GLY E 95 27.77 49.50 17.19
CA GLY E 95 29.06 50.16 17.01
C GLY E 95 29.00 51.64 17.40
N ASN E 96 29.71 52.46 16.62
CA ASN E 96 29.82 53.90 16.86
C ASN E 96 30.26 54.17 18.31
N GLY E 97 31.20 53.35 18.80
CA GLY E 97 31.63 53.44 20.18
C GLY E 97 31.07 52.39 21.11
N TRP E 98 29.85 51.91 20.84
CA TRP E 98 29.20 50.98 21.77
C TRP E 98 29.77 49.57 21.71
N GLU E 99 30.56 49.29 20.68
CA GLU E 99 31.17 47.96 20.57
C GLU E 99 32.16 47.66 21.70
N LYS E 100 32.65 48.69 22.41
CA LYS E 100 33.49 48.47 23.58
C LYS E 100 32.72 47.71 24.68
N HIS E 101 31.39 47.71 24.56
CA HIS E 101 30.50 47.03 25.49
C HIS E 101 30.09 45.63 24.98
N MET E 102 30.82 45.10 23.99
CA MET E 102 30.69 43.67 23.62
C MET E 102 30.77 42.79 24.88
N PRO E 103 29.90 41.77 24.99
CA PRO E 103 30.04 40.87 26.12
C PRO E 103 31.35 40.06 26.00
N LYS E 104 31.99 39.82 27.13
CA LYS E 104 33.12 38.89 27.19
C LYS E 104 32.55 37.47 27.15
N LEU E 105 33.39 36.48 26.86
CA LEU E 105 32.89 35.10 26.80
C LEU E 105 32.17 34.65 28.08
N ASP E 106 32.69 35.05 29.24
CA ASP E 106 32.06 34.71 30.51
C ASP E 106 30.74 35.43 30.81
N GLN E 107 30.44 36.49 30.06
CA GLN E 107 29.21 37.28 30.23
C GLN E 107 27.99 36.75 29.43
N LEU E 108 28.26 35.85 28.50
CA LEU E 108 27.18 35.14 27.80
C LEU E 108 27.24 33.66 28.15
N PRO E 109 26.58 33.26 29.27
CA PRO E 109 26.55 31.82 29.57
C PRO E 109 25.68 31.11 28.53
N ILE E 110 26.13 29.95 28.06
CA ILE E 110 25.32 29.15 27.16
C ILE E 110 24.39 28.26 27.97
N LYS E 111 23.29 27.83 27.34
CA LYS E 111 22.37 26.89 27.96
C LYS E 111 22.91 25.45 27.86
N GLY E 112 23.99 25.27 27.10
CA GLY E 112 24.62 23.97 26.93
C GLY E 112 24.60 23.53 25.47
N ASP E 113 25.10 22.33 25.21
CA ASP E 113 25.05 21.79 23.85
C ASP E 113 23.64 21.28 23.58
N THR E 114 23.28 21.19 22.31
CA THR E 114 22.01 20.58 21.94
C THR E 114 22.30 19.15 21.50
N ILE E 115 21.68 18.19 22.16
CA ILE E 115 21.89 16.79 21.83
C ILE E 115 20.58 16.07 21.60
N ILE E 116 20.35 15.69 20.34
CA ILE E 116 19.21 14.87 19.94
C ILE E 116 19.75 13.46 19.75
N GLY E 117 19.10 12.49 20.38
CA GLY E 117 19.54 11.08 20.39
C GLY E 117 19.29 10.36 19.06
N ASN E 118 19.27 9.04 19.11
CA ASN E 118 19.06 8.21 17.92
C ASN E 118 17.58 7.79 17.79
N ASP E 119 17.15 7.48 16.57
CA ASP E 119 15.78 6.99 16.35
C ASP E 119 14.71 7.96 16.90
N VAL E 120 14.96 9.26 16.76
CA VAL E 120 14.03 10.30 17.28
C VAL E 120 13.23 10.84 16.11
N TRP E 121 11.92 11.00 16.30
CA TRP E 121 11.05 11.60 15.29
C TRP E 121 10.64 12.98 15.80
N ILE E 122 10.99 14.01 15.04
CA ILE E 122 10.65 15.40 15.38
C ILE E 122 9.65 15.86 14.32
N GLY E 123 8.46 16.23 14.79
CA GLY E 123 7.36 16.62 13.93
C GLY E 123 7.51 17.96 13.22
N LYS E 124 6.60 18.20 12.29
CA LYS E 124 6.64 19.39 11.42
C LYS E 124 6.70 20.65 12.29
N ASP E 125 7.54 21.60 11.86
CA ASP E 125 7.61 22.94 12.46
C ASP E 125 7.97 23.03 13.94
N VAL E 126 8.52 21.94 14.49
CA VAL E 126 9.02 21.97 15.87
C VAL E 126 10.16 22.99 15.99
N VAL E 127 10.23 23.67 17.13
CA VAL E 127 11.40 24.50 17.45
C VAL E 127 12.14 23.86 18.65
N ILE E 128 13.45 23.61 18.45
CA ILE E 128 14.32 23.12 19.51
C ILE E 128 15.13 24.29 20.05
N MET E 129 14.91 24.61 21.32
CA MET E 129 15.58 25.77 21.92
C MET E 129 16.98 25.39 22.42
N PRO E 130 17.83 26.41 22.72
CA PRO E 130 19.24 26.08 23.09
C PRO E 130 19.37 25.13 24.28
N GLY E 131 20.39 24.27 24.22
CA GLY E 131 20.81 23.47 25.36
C GLY E 131 19.93 22.27 25.67
N VAL E 132 19.04 21.92 24.74
CA VAL E 132 18.06 20.86 24.96
C VAL E 132 18.69 19.49 24.64
N LYS E 133 18.37 18.51 25.46
CA LYS E 133 18.73 17.12 25.19
C LYS E 133 17.48 16.30 25.01
N ILE E 134 17.44 15.52 23.92
CA ILE E 134 16.27 14.70 23.60
C ILE E 134 16.75 13.26 23.51
N GLY E 135 16.19 12.39 24.33
CA GLY E 135 16.67 11.00 24.46
C GLY E 135 16.37 10.17 23.24
N ASP E 136 17.08 9.04 23.10
CA ASP E 136 16.84 8.10 22.01
C ASP E 136 15.38 7.71 21.97
N GLY E 137 14.83 7.57 20.77
CA GLY E 137 13.48 6.97 20.60
C GLY E 137 12.31 7.89 20.92
N ALA E 138 12.60 9.14 21.30
CA ALA E 138 11.52 10.12 21.62
C ALA E 138 10.71 10.45 20.37
N ILE E 139 9.48 10.94 20.58
CA ILE E 139 8.68 11.46 19.50
C ILE E 139 8.23 12.85 19.96
N VAL E 140 8.52 13.86 19.16
CA VAL E 140 8.11 15.24 19.47
C VAL E 140 7.01 15.67 18.50
N ALA E 141 5.83 15.96 19.06
CA ALA E 141 4.66 16.34 18.26
C ALA E 141 4.93 17.57 17.38
N ALA E 142 4.31 17.59 16.20
CA ALA E 142 4.35 18.80 15.36
C ALA E 142 4.00 20.06 16.18
N ASN E 143 4.73 21.12 15.87
CA ASN E 143 4.51 22.47 16.40
C ASN E 143 4.95 22.65 17.84
N SER E 144 5.64 21.65 18.39
CA SER E 144 6.18 21.75 19.75
C SER E 144 7.30 22.81 19.79
N VAL E 145 7.49 23.37 20.98
CA VAL E 145 8.59 24.28 21.24
C VAL E 145 9.27 23.67 22.46
N VAL E 146 10.42 23.08 22.20
CA VAL E 146 11.09 22.27 23.20
C VAL E 146 12.10 23.13 23.97
N VAL E 147 11.81 23.33 25.25
CA VAL E 147 12.60 24.20 26.11
C VAL E 147 13.44 23.39 27.11
N LYS E 148 12.88 22.28 27.58
CA LYS E 148 13.61 21.43 28.51
C LYS E 148 13.85 20.06 27.91
N ASP E 149 14.64 19.26 28.62
CA ASP E 149 15.00 17.93 28.14
C ASP E 149 13.79 17.01 27.99
N ILE E 150 13.89 16.09 27.04
CA ILE E 150 12.90 15.02 26.87
C ILE E 150 13.59 13.68 27.06
N ALA E 151 13.05 12.84 27.95
CA ALA E 151 13.62 11.53 28.24
C ALA E 151 13.47 10.53 27.06
N PRO E 152 14.27 9.45 27.06
CA PRO E 152 14.17 8.48 25.97
C PRO E 152 12.78 7.87 25.85
N TYR E 153 12.38 7.60 24.60
CA TYR E 153 11.13 6.91 24.26
C TYR E 153 9.90 7.56 24.92
N MET E 154 9.96 8.88 25.10
CA MET E 154 8.81 9.68 25.52
C MET E 154 8.11 10.29 24.32
N LEU E 155 6.77 10.32 24.35
CA LEU E 155 5.98 11.18 23.50
C LEU E 155 5.91 12.53 24.23
N ALA E 156 6.22 13.61 23.51
CA ALA E 156 6.18 14.96 24.09
C ALA E 156 5.53 15.91 23.08
N GLY E 157 4.95 16.99 23.59
CA GLY E 157 4.28 17.93 22.71
C GLY E 157 3.94 19.22 23.44
N GLY E 158 3.66 20.27 22.67
CA GLY E 158 3.16 21.52 23.24
C GLY E 158 4.17 22.64 23.20
N ASN E 159 3.74 23.81 23.66
CA ASN E 159 4.56 25.00 23.72
C ASN E 159 4.29 25.72 25.06
N PRO E 160 5.16 25.49 26.05
CA PRO E 160 6.40 24.69 25.99
C PRO E 160 6.08 23.20 25.98
N ALA E 161 6.96 22.41 25.39
CA ALA E 161 6.72 20.99 25.28
C ALA E 161 6.82 20.32 26.64
N ASN E 162 5.88 19.41 26.90
CA ASN E 162 5.89 18.56 28.08
C ASN E 162 5.81 17.11 27.64
N GLU E 163 6.42 16.22 28.42
CA GLU E 163 6.28 14.79 28.21
C GLU E 163 4.83 14.40 28.45
N ILE E 164 4.27 13.64 27.51
CA ILE E 164 2.86 13.24 27.54
C ILE E 164 2.72 11.81 28.10
N LYS E 165 3.48 10.87 27.54
CA LYS E 165 3.53 9.50 28.08
C LYS E 165 4.72 8.75 27.54
N GLN E 166 5.19 7.75 28.31
CA GLN E 166 6.17 6.79 27.81
C GLN E 166 5.57 5.98 26.67
N ARG E 167 6.34 5.80 25.60
CA ARG E 167 5.88 5.04 24.43
C ARG E 167 5.70 3.54 24.76
N PHE E 168 6.59 3.02 25.61
CA PHE E 168 6.63 1.58 25.95
C PHE E 168 6.90 1.44 27.44
N ASP E 169 6.80 0.20 27.96
CA ASP E 169 7.06 -0.03 29.37
C ASP E 169 8.54 0.20 29.68
N GLN E 170 8.85 0.54 30.92
CA GLN E 170 10.22 0.84 31.35
C GLN E 170 11.22 -0.26 31.01
N ASP E 171 10.84 -1.52 31.25
CA ASP E 171 11.70 -2.65 30.91
C ASP E 171 12.10 -2.67 29.42
N THR E 172 11.12 -2.49 28.54
CA THR E 172 11.33 -2.46 27.10
C THR E 172 12.28 -1.32 26.72
N ILE E 173 12.01 -0.13 27.25
CA ILE E 173 12.87 1.06 27.05
C ILE E 173 14.29 0.75 27.53
N ASN E 174 14.43 0.21 28.75
CA ASN E 174 15.76 -0.16 29.27
C ASN E 174 16.51 -1.14 28.35
N GLN E 175 15.78 -2.12 27.82
CA GLN E 175 16.39 -3.09 26.89
C GLN E 175 16.84 -2.44 25.59
N LEU E 176 16.02 -1.55 25.04
CA LEU E 176 16.38 -0.85 23.81
C LEU E 176 17.58 0.05 24.04
N LEU E 177 17.63 0.72 25.19
CA LEU E 177 18.76 1.55 25.54
C LEU E 177 20.05 0.77 25.77
N ASP E 178 19.90 -0.51 26.14
CA ASP E 178 21.04 -1.44 26.26
C ASP E 178 21.55 -1.95 24.91
N ILE E 179 20.64 -2.42 24.07
CA ILE E 179 21.06 -3.03 22.80
C ILE E 179 21.58 -2.03 21.77
N LYS E 180 21.02 -0.81 21.75
CA LYS E 180 21.47 0.25 20.82
C LYS E 180 21.67 -0.28 19.41
N TRP E 181 20.57 -0.73 18.80
CA TRP E 181 20.62 -1.32 17.45
C TRP E 181 21.20 -0.36 16.42
N TRP E 182 21.02 0.95 16.65
CA TRP E 182 21.49 2.00 15.73
C TRP E 182 23.00 2.06 15.61
N ASN E 183 23.71 1.46 16.58
CA ASN E 183 25.16 1.43 16.51
C ASN E 183 25.73 0.25 15.70
N TRP E 184 24.87 -0.71 15.34
CA TRP E 184 25.33 -1.84 14.53
C TRP E 184 25.69 -1.40 13.11
N PRO E 185 26.70 -2.05 12.49
CA PRO E 185 26.92 -1.82 11.05
C PRO E 185 25.61 -2.04 10.25
N ILE E 186 25.42 -1.26 9.20
CA ILE E 186 24.14 -1.33 8.46
C ILE E 186 23.93 -2.71 7.81
N ASP E 187 25.02 -3.40 7.48
CA ASP E 187 24.88 -4.78 6.97
C ASP E 187 24.45 -5.80 8.06
N ILE E 188 24.46 -5.39 9.32
CA ILE E 188 23.85 -6.15 10.39
C ILE E 188 22.41 -5.67 10.65
N ILE E 189 22.23 -4.37 10.72
CA ILE E 189 20.88 -3.80 10.83
C ILE E 189 19.94 -4.37 9.75
N ASN E 190 20.44 -4.41 8.52
CA ASN E 190 19.71 -4.87 7.34
C ASN E 190 19.02 -6.24 7.51
N GLU E 191 19.63 -7.12 8.31
CA GLU E 191 19.11 -8.47 8.57
C GLU E 191 18.08 -8.48 9.70
N ASN E 192 17.81 -7.31 10.28
CA ASN E 192 17.03 -7.18 11.49
C ASN E 192 15.95 -6.09 11.44
N ILE E 193 15.76 -5.47 10.27
CA ILE E 193 14.83 -4.34 10.17
C ILE E 193 13.40 -4.67 10.64
N ASP E 194 12.87 -5.82 10.24
CA ASP E 194 11.52 -6.17 10.70
C ASP E 194 11.41 -6.23 12.23
N LYS E 195 12.44 -6.74 12.91
CA LYS E 195 12.41 -6.86 14.38
C LYS E 195 12.64 -5.53 15.08
N ILE E 196 13.39 -4.63 14.44
CA ILE E 196 13.58 -3.26 14.92
C ILE E 196 12.24 -2.48 14.80
N LEU E 197 11.51 -2.74 13.71
CA LEU E 197 10.24 -2.07 13.46
C LEU E 197 9.11 -2.53 14.39
N ASP E 198 9.20 -3.77 14.87
CA ASP E 198 8.13 -4.28 15.76
C ASP E 198 8.54 -4.45 17.22
N ASN E 199 9.77 -4.05 17.55
CA ASN E 199 10.31 -4.10 18.91
C ASN E 199 10.69 -5.51 19.42
N SER E 200 10.54 -6.52 18.57
CA SER E 200 10.92 -7.89 18.94
C SER E 200 12.44 -8.09 18.94
N ILE E 201 13.17 -7.09 18.42
CA ILE E 201 14.63 -7.09 18.46
C ILE E 201 15.21 -7.26 19.89
N ILE E 202 14.44 -6.86 20.91
CA ILE E 202 14.84 -7.02 22.31
C ILE E 202 14.97 -8.53 22.57
N ARG E 203 16.08 -8.90 23.22
CA ARG E 203 16.79 -10.15 22.83
C ARG E 203 15.95 -11.45 22.71
N MET F 1 29.16 57.60 20.91
CA MET F 1 27.79 58.14 21.13
C MET F 1 26.74 57.14 20.65
N GLY F 2 27.15 56.16 19.85
CA GLY F 2 26.22 55.21 19.29
C GLY F 2 25.59 55.71 18.00
N PRO F 3 24.70 54.91 17.42
CA PRO F 3 24.11 55.24 16.13
C PRO F 3 23.02 56.30 16.27
N ASN F 4 22.68 56.95 15.18
CA ASN F 4 21.53 57.86 15.18
C ASN F 4 20.26 57.00 15.26
N PRO F 5 19.41 57.20 16.29
CA PRO F 5 18.16 56.41 16.38
C PRO F 5 17.16 56.68 15.23
N MET F 6 17.37 57.76 14.47
CA MET F 6 16.50 58.05 13.33
C MET F 6 16.93 57.38 12.04
N LYS F 7 18.06 56.67 12.07
CA LYS F 7 18.58 55.95 10.90
C LYS F 7 17.90 54.58 10.78
N MET F 8 17.19 54.34 9.68
CA MET F 8 16.46 53.07 9.50
C MET F 8 17.34 51.83 9.64
N TYR F 9 18.50 51.85 8.96
CA TYR F 9 19.45 50.75 8.99
C TYR F 9 20.77 51.21 9.62
N PRO F 10 20.87 51.12 10.96
CA PRO F 10 21.98 51.70 11.73
C PRO F 10 23.30 50.96 11.61
N ILE F 11 23.26 49.72 11.13
CA ILE F 11 24.48 48.90 10.99
C ILE F 11 24.83 48.80 9.50
N GLU F 12 25.99 49.33 9.14
CA GLU F 12 26.37 49.46 7.73
C GLU F 12 26.51 48.10 7.03
N GLY F 13 26.05 48.06 5.78
CA GLY F 13 25.97 46.84 4.98
C GLY F 13 24.82 45.91 5.37
N ASN F 14 24.37 46.06 6.61
CA ASN F 14 23.31 45.23 7.18
C ASN F 14 21.95 45.85 6.87
N LYS F 15 21.15 45.14 6.10
CA LYS F 15 19.83 45.60 5.75
C LYS F 15 18.77 44.83 6.54
N SER F 16 19.21 44.04 7.53
CA SER F 16 18.27 43.23 8.34
C SER F 16 17.88 43.94 9.64
N VAL F 17 18.89 44.47 10.34
CA VAL F 17 18.65 45.17 11.60
C VAL F 17 18.14 46.58 11.32
N GLN F 18 16.98 46.90 11.86
CA GLN F 18 16.36 48.19 11.58
C GLN F 18 15.81 48.85 12.85
N PHE F 19 16.02 50.16 12.97
CA PHE F 19 15.41 50.91 14.05
C PHE F 19 13.93 51.13 13.72
N ILE F 20 13.06 50.69 14.62
CA ILE F 20 11.62 50.63 14.32
C ILE F 20 10.96 52.00 14.20
N LYS F 21 11.39 52.95 15.03
CA LYS F 21 10.82 54.31 14.98
C LYS F 21 10.84 54.94 13.58
N PRO F 22 12.03 55.10 12.97
CA PRO F 22 12.04 55.64 11.60
C PRO F 22 11.40 54.71 10.55
N ILE F 23 11.37 53.40 10.82
CA ILE F 23 10.74 52.43 9.93
C ILE F 23 9.21 52.61 9.89
N LEU F 24 8.62 52.95 11.04
CA LEU F 24 7.16 53.02 11.23
C LEU F 24 6.58 54.44 11.33
N GLU F 25 7.27 55.43 10.77
CA GLU F 25 6.81 56.83 10.85
C GLU F 25 5.44 57.00 10.19
N LYS F 26 5.24 56.28 9.08
CA LYS F 26 4.01 56.35 8.27
C LYS F 26 2.71 56.13 9.07
N LEU F 27 2.74 55.21 10.03
CA LEU F 27 1.52 54.70 10.69
C LEU F 27 0.90 55.62 11.73
N GLU F 28 -0.44 55.64 11.76
CA GLU F 28 -1.22 56.37 12.77
C GLU F 28 -1.50 55.51 14.00
N ASN F 29 -1.77 56.16 15.15
CA ASN F 29 -2.05 55.48 16.44
C ASN F 29 -0.92 54.50 16.87
N VAL F 30 0.31 54.81 16.48
CA VAL F 30 1.48 54.01 16.82
C VAL F 30 2.57 54.94 17.36
N GLU F 31 3.07 54.65 18.55
CA GLU F 31 4.19 55.40 19.11
C GLU F 31 5.30 54.41 19.45
N VAL F 32 6.49 54.68 18.94
CA VAL F 32 7.62 53.77 19.12
C VAL F 32 8.85 54.52 19.64
N GLY F 33 9.43 54.00 20.73
CA GLY F 33 10.62 54.59 21.33
C GLY F 33 11.89 54.42 20.53
N GLU F 34 12.82 55.36 20.73
CA GLU F 34 14.12 55.36 20.10
C GLU F 34 14.92 54.12 20.51
N TYR F 35 15.77 53.68 19.57
CA TYR F 35 16.73 52.59 19.72
C TYR F 35 16.11 51.18 19.66
N SER F 36 14.80 51.10 19.81
CA SER F 36 14.10 49.80 19.66
C SER F 36 14.32 49.30 18.24
N TYR F 37 14.72 48.04 18.10
CA TYR F 37 15.11 47.53 16.79
C TYR F 37 14.38 46.22 16.46
N TYR F 38 14.27 45.93 15.16
CA TYR F 38 13.72 44.68 14.68
C TYR F 38 14.82 43.99 13.89
N ASP F 39 14.95 42.68 14.11
CA ASP F 39 15.93 41.88 13.37
C ASP F 39 15.16 41.11 12.30
N SER F 40 15.18 41.63 11.08
CA SER F 40 14.34 41.11 9.99
C SER F 40 14.60 39.62 9.67
N LYS F 41 13.55 38.90 9.32
CA LYS F 41 13.63 37.48 9.00
C LYS F 41 14.12 37.25 7.57
N ASN F 42 13.36 37.79 6.60
CA ASN F 42 13.65 37.61 5.17
C ASN F 42 13.85 38.94 4.44
N GLY F 43 14.17 40.00 5.18
CA GLY F 43 14.30 41.33 4.59
C GLY F 43 13.09 42.23 4.74
N GLU F 44 11.97 41.68 5.20
CA GLU F 44 10.77 42.49 5.41
C GLU F 44 11.03 43.62 6.42
N THR F 45 10.28 44.70 6.27
CA THR F 45 10.39 45.84 7.19
C THR F 45 9.30 45.70 8.26
N PHE F 46 9.54 46.26 9.45
CA PHE F 46 8.69 45.93 10.59
C PHE F 46 7.20 46.34 10.44
N ASP F 47 6.91 47.29 9.56
CA ASP F 47 5.51 47.68 9.30
C ASP F 47 4.66 46.51 8.81
N LYS F 48 5.30 45.55 8.12
CA LYS F 48 4.63 44.34 7.65
C LYS F 48 4.22 43.41 8.80
N GLN F 49 4.77 43.67 9.98
CA GLN F 49 4.59 42.80 11.14
C GLN F 49 3.48 43.28 12.09
N ILE F 50 2.96 44.47 11.81
CA ILE F 50 1.86 45.04 12.61
C ILE F 50 0.58 44.84 11.83
N LEU F 51 -0.30 44.01 12.39
CA LEU F 51 -1.41 43.46 11.63
C LEU F 51 -2.75 43.95 12.15
N TYR F 52 -3.71 44.15 11.24
CA TYR F 52 -5.09 44.50 11.60
C TYR F 52 -5.19 45.76 12.46
N HIS F 53 -4.37 46.75 12.13
CA HIS F 53 -4.42 48.02 12.85
C HIS F 53 -5.20 49.04 12.02
N TYR F 54 -6.44 49.28 12.43
CA TYR F 54 -7.35 50.18 11.71
C TYR F 54 -7.67 51.42 12.57
N PRO F 55 -7.35 52.64 12.06
CA PRO F 55 -7.63 53.86 12.85
C PRO F 55 -9.06 53.96 13.38
N ILE F 56 -10.04 53.46 12.63
CA ILE F 56 -11.45 53.51 13.05
C ILE F 56 -11.68 52.84 14.41
N LEU F 57 -10.96 51.75 14.69
CA LEU F 57 -11.14 51.07 15.98
C LEU F 57 -10.52 51.83 17.14
N ASN F 58 -9.66 52.79 16.82
CA ASN F 58 -9.05 53.70 17.81
C ASN F 58 -8.17 53.01 18.85
N ASP F 59 -7.72 51.79 18.56
CA ASP F 59 -6.77 51.13 19.47
C ASP F 59 -5.36 51.64 19.15
N LYS F 60 -4.55 51.79 20.19
CA LYS F 60 -3.22 52.34 20.07
C LYS F 60 -2.18 51.27 20.31
N LEU F 61 -1.09 51.37 19.56
CA LEU F 61 0.11 50.59 19.79
C LEU F 61 1.22 51.52 20.30
N LYS F 62 1.81 51.16 21.43
CA LYS F 62 2.97 51.87 21.95
C LYS F 62 4.05 50.85 22.25
N ILE F 63 5.26 51.14 21.78
CA ILE F 63 6.46 50.35 22.10
C ILE F 63 7.47 51.33 22.69
N GLY F 64 8.11 50.94 23.80
CA GLY F 64 9.05 51.81 24.48
C GLY F 64 10.39 51.87 23.76
N LYS F 65 11.39 52.37 24.49
CA LYS F 65 12.75 52.53 23.97
C LYS F 65 13.60 51.30 24.32
N PHE F 66 14.68 51.11 23.58
CA PHE F 66 15.67 50.06 23.87
C PHE F 66 15.10 48.62 23.88
N CYS F 67 14.10 48.40 23.04
CA CYS F 67 13.54 47.06 22.86
C CYS F 67 14.29 46.28 21.79
N SER F 68 14.36 44.97 21.97
CA SER F 68 14.98 44.07 21.01
C SER F 68 13.86 43.15 20.49
N ILE F 69 13.49 43.30 19.22
CA ILE F 69 12.36 42.55 18.64
C ILE F 69 12.90 41.55 17.63
N GLY F 70 12.68 40.27 17.93
CA GLY F 70 13.24 39.20 17.12
C GLY F 70 12.57 39.01 15.78
N PRO F 71 13.22 38.26 14.88
CA PRO F 71 12.66 38.03 13.55
C PRO F 71 11.28 37.38 13.59
N GLY F 72 10.37 37.86 12.74
CA GLY F 72 9.08 37.18 12.61
C GLY F 72 8.04 37.55 13.66
N VAL F 73 8.40 38.38 14.65
CA VAL F 73 7.43 38.82 15.66
C VAL F 73 6.25 39.50 14.95
N THR F 74 5.03 39.20 15.38
CA THR F 74 3.85 39.91 14.87
C THR F 74 3.09 40.55 16.01
N ILE F 75 2.52 41.73 15.75
CA ILE F 75 1.70 42.40 16.74
C ILE F 75 0.30 42.48 16.15
N ILE F 76 -0.65 41.85 16.83
CA ILE F 76 -2.00 41.72 16.29
C ILE F 76 -2.85 42.79 16.97
N MET F 77 -3.26 43.79 16.21
CA MET F 77 -4.21 44.78 16.73
C MET F 77 -5.67 44.31 16.55
N ASN F 78 -6.66 45.16 16.84
CA ASN F 78 -8.01 44.65 17.09
C ASN F 78 -8.84 44.40 15.82
N GLY F 79 -8.25 44.68 14.67
CA GLY F 79 -8.96 44.58 13.40
C GLY F 79 -9.37 43.20 12.90
N ALA F 80 -8.91 42.15 13.57
CA ALA F 80 -9.26 40.80 13.13
C ALA F 80 -10.25 40.15 14.07
N ASN F 81 -10.67 40.90 15.11
CA ASN F 81 -11.74 40.48 16.03
C ASN F 81 -13.05 40.41 15.26
N HIS F 82 -13.67 39.23 15.25
CA HIS F 82 -15.03 39.09 14.72
C HIS F 82 -16.05 39.49 15.78
N ARG F 83 -17.23 39.88 15.31
CA ARG F 83 -18.35 40.14 16.20
C ARG F 83 -18.78 38.79 16.76
N MET F 84 -19.09 38.72 18.06
CA MET F 84 -19.37 37.43 18.67
C MET F 84 -20.49 37.37 19.72
N ASP F 85 -21.39 38.36 19.72
CA ASP F 85 -22.63 38.24 20.50
C ASP F 85 -23.61 37.22 19.89
N GLY F 86 -23.35 36.85 18.64
CA GLY F 86 -24.08 35.79 17.95
C GLY F 86 -23.10 35.09 17.00
N SER F 87 -23.50 34.94 15.74
CA SER F 87 -22.61 34.30 14.76
C SER F 87 -21.38 35.17 14.51
N THR F 88 -20.23 34.51 14.42
CA THR F 88 -18.95 35.11 14.05
C THR F 88 -18.78 35.25 12.53
N TYR F 89 -19.75 34.77 11.77
CA TYR F 89 -19.66 34.88 10.32
C TYR F 89 -19.81 36.33 9.83
N PRO F 90 -18.81 36.84 9.08
CA PRO F 90 -18.85 38.25 8.67
C PRO F 90 -19.68 38.44 7.40
N PHE F 91 -20.99 38.21 7.50
CA PHE F 91 -21.89 38.39 6.34
C PHE F 91 -21.55 39.63 5.54
N ASN F 92 -21.37 40.76 6.24
CA ASN F 92 -21.16 42.05 5.56
C ASN F 92 -19.96 42.10 4.59
N LEU F 93 -18.91 41.33 4.88
CA LEU F 93 -17.71 41.22 4.03
C LEU F 93 -18.07 40.92 2.56
N PHE F 94 -19.15 40.18 2.34
CA PHE F 94 -19.42 39.60 1.02
C PHE F 94 -20.26 40.46 0.09
N GLY F 95 -20.79 41.55 0.61
CA GLY F 95 -21.65 42.41 -0.22
C GLY F 95 -22.84 41.63 -0.78
N ASN F 96 -23.20 41.92 -2.03
CA ASN F 96 -24.30 41.25 -2.70
C ASN F 96 -25.62 41.31 -1.92
N GLY F 97 -25.82 42.39 -1.16
CA GLY F 97 -26.97 42.53 -0.31
C GLY F 97 -26.65 42.42 1.17
N TRP F 98 -25.59 41.67 1.51
CA TRP F 98 -25.24 41.50 2.94
C TRP F 98 -24.48 42.68 3.54
N GLU F 99 -24.08 43.64 2.72
CA GLU F 99 -23.33 44.79 3.24
C GLU F 99 -24.08 45.60 4.31
N LYS F 100 -25.40 45.47 4.36
CA LYS F 100 -26.19 46.26 5.33
C LYS F 100 -26.00 45.76 6.76
N HIS F 101 -25.41 44.57 6.88
CA HIS F 101 -25.22 43.91 8.17
C HIS F 101 -23.88 44.25 8.82
N MET F 102 -23.39 45.46 8.58
CA MET F 102 -22.11 45.88 9.14
C MET F 102 -22.21 46.05 10.65
N PRO F 103 -21.16 45.63 11.38
CA PRO F 103 -21.23 45.80 12.82
C PRO F 103 -21.03 47.24 13.24
N LYS F 104 -21.69 47.61 14.32
CA LYS F 104 -21.43 48.86 15.00
C LYS F 104 -20.09 48.78 15.75
N LEU F 105 -19.40 49.92 15.88
CA LEU F 105 -18.19 49.94 16.73
C LEU F 105 -18.39 49.27 18.09
N ASP F 106 -19.54 49.52 18.75
CA ASP F 106 -19.79 48.90 20.06
C ASP F 106 -20.12 47.39 20.02
N GLN F 107 -20.18 46.82 18.82
CA GLN F 107 -20.38 45.38 18.64
C GLN F 107 -19.05 44.70 18.34
N LEU F 108 -18.00 45.51 18.23
CA LEU F 108 -16.64 44.99 18.09
C LEU F 108 -15.79 45.53 19.25
N PRO F 109 -16.15 45.18 20.50
CA PRO F 109 -15.44 45.82 21.62
C PRO F 109 -13.93 45.50 21.58
N ILE F 110 -13.12 46.52 21.82
CA ILE F 110 -11.67 46.39 21.76
C ILE F 110 -11.19 45.62 22.99
N LYS F 111 -10.12 44.84 22.83
CA LYS F 111 -9.44 44.21 23.96
C LYS F 111 -8.59 45.22 24.73
N GLY F 112 -8.36 46.39 24.12
CA GLY F 112 -7.55 47.44 24.70
C GLY F 112 -6.41 47.83 23.79
N ASP F 113 -5.58 48.75 24.27
CA ASP F 113 -4.35 49.13 23.58
C ASP F 113 -3.26 48.09 23.83
N THR F 114 -2.29 48.07 22.93
CA THR F 114 -1.13 47.20 23.11
C THR F 114 0.00 48.10 23.54
N ILE F 115 0.55 47.84 24.72
CA ILE F 115 1.61 48.69 25.30
C ILE F 115 2.81 47.83 25.68
N ILE F 116 3.89 47.95 24.91
CA ILE F 116 5.14 47.24 25.23
C ILE F 116 6.05 48.28 25.86
N GLY F 117 6.63 47.93 27.01
CA GLY F 117 7.48 48.82 27.81
C GLY F 117 8.86 49.10 27.21
N ASN F 118 9.77 49.59 28.05
CA ASN F 118 11.12 49.91 27.65
C ASN F 118 12.05 48.73 27.98
N ASP F 119 13.13 48.57 27.22
CA ASP F 119 14.13 47.53 27.51
C ASP F 119 13.52 46.12 27.51
N VAL F 120 12.57 45.88 26.58
CA VAL F 120 11.90 44.57 26.50
C VAL F 120 12.53 43.77 25.35
N TRP F 121 12.83 42.51 25.62
CA TRP F 121 13.34 41.59 24.58
C TRP F 121 12.24 40.59 24.20
N ILE F 122 11.83 40.63 22.93
CA ILE F 122 10.78 39.74 22.40
C ILE F 122 11.47 38.79 21.45
N GLY F 123 11.38 37.49 21.77
CA GLY F 123 12.07 36.45 20.99
C GLY F 123 11.47 36.20 19.61
N LYS F 124 12.20 35.44 18.81
CA LYS F 124 11.82 35.09 17.44
C LYS F 124 10.39 34.58 17.35
N ASP F 125 9.64 35.07 16.36
CA ASP F 125 8.30 34.55 15.99
C ASP F 125 7.21 34.60 17.07
N VAL F 126 7.43 35.44 18.09
CA VAL F 126 6.42 35.67 19.09
C VAL F 126 5.21 36.33 18.42
N VAL F 127 4.02 35.97 18.85
CA VAL F 127 2.79 36.67 18.48
C VAL F 127 2.27 37.43 19.72
N ILE F 128 2.06 38.73 19.57
CA ILE F 128 1.45 39.55 20.63
C ILE F 128 -0.01 39.76 20.24
N MET F 129 -0.93 39.19 21.02
CA MET F 129 -2.37 39.32 20.75
C MET F 129 -2.91 40.69 21.22
N PRO F 130 -4.11 41.09 20.75
CA PRO F 130 -4.63 42.42 21.11
C PRO F 130 -4.76 42.70 22.62
N GLY F 131 -4.50 43.96 22.98
CA GLY F 131 -4.76 44.45 24.32
C GLY F 131 -3.68 44.18 25.35
N VAL F 132 -2.59 43.55 24.92
CA VAL F 132 -1.56 43.10 25.83
C VAL F 132 -0.67 44.23 26.32
N LYS F 133 -0.41 44.24 27.63
CA LYS F 133 0.61 45.12 28.21
C LYS F 133 1.81 44.28 28.65
N ILE F 134 3.00 44.69 28.24
CA ILE F 134 4.24 44.04 28.66
C ILE F 134 5.13 45.07 29.38
N GLY F 135 5.40 44.82 30.65
CA GLY F 135 6.17 45.76 31.46
C GLY F 135 7.63 45.96 31.04
N ASP F 136 8.21 47.06 31.51
CA ASP F 136 9.62 47.34 31.27
C ASP F 136 10.49 46.14 31.68
N GLY F 137 11.54 45.90 30.90
CA GLY F 137 12.55 44.89 31.25
C GLY F 137 12.11 43.43 31.10
N ALA F 138 10.88 43.20 30.65
CA ALA F 138 10.42 41.82 30.45
C ALA F 138 11.19 41.09 29.34
N ILE F 139 11.22 39.76 29.42
CA ILE F 139 11.72 38.92 28.34
C ILE F 139 10.63 37.93 27.90
N VAL F 140 10.34 37.89 26.59
CA VAL F 140 9.37 36.94 26.04
C VAL F 140 10.08 35.90 25.18
N ALA F 141 9.95 34.64 25.59
CA ALA F 141 10.61 33.51 24.91
C ALA F 141 10.16 33.37 23.46
N ALA F 142 11.09 32.99 22.56
CA ALA F 142 10.75 32.75 21.16
C ALA F 142 9.50 31.90 21.04
N ASN F 143 8.69 32.17 20.01
CA ASN F 143 7.48 31.37 19.74
C ASN F 143 6.33 31.46 20.76
N SER F 144 6.42 32.39 21.72
CA SER F 144 5.34 32.63 22.65
C SER F 144 4.15 33.25 21.93
N VAL F 145 2.97 33.00 22.47
CA VAL F 145 1.74 33.65 22.03
C VAL F 145 1.18 34.33 23.27
N VAL F 146 1.29 35.66 23.30
CA VAL F 146 1.06 36.43 24.52
C VAL F 146 -0.37 36.95 24.47
N VAL F 147 -1.21 36.43 25.36
CA VAL F 147 -2.63 36.79 25.32
C VAL F 147 -3.02 37.64 26.52
N LYS F 148 -2.24 37.56 27.60
CA LYS F 148 -2.50 38.36 28.81
C LYS F 148 -1.24 39.16 29.17
N ASP F 149 -1.35 40.05 30.16
CA ASP F 149 -0.27 40.98 30.44
C ASP F 149 0.94 40.29 31.07
N ILE F 150 2.11 40.89 30.90
CA ILE F 150 3.36 40.39 31.47
C ILE F 150 3.94 41.53 32.33
N ALA F 151 4.27 41.23 33.57
CA ALA F 151 4.75 42.23 34.51
C ALA F 151 6.20 42.65 34.20
N PRO F 152 6.65 43.81 34.73
CA PRO F 152 8.03 44.24 34.53
C PRO F 152 9.09 43.21 34.94
N TYR F 153 10.16 43.11 34.15
CA TYR F 153 11.32 42.27 34.46
C TYR F 153 10.96 40.81 34.76
N MET F 154 9.93 40.30 34.07
CA MET F 154 9.55 38.90 34.15
C MET F 154 10.04 38.17 32.90
N LEU F 155 10.42 36.90 33.08
CA LEU F 155 10.61 36.03 31.90
C LEU F 155 9.25 35.35 31.70
N ALA F 156 8.79 35.28 30.45
CA ALA F 156 7.50 34.68 30.14
C ALA F 156 7.67 33.86 28.88
N GLY F 157 6.87 32.80 28.75
CA GLY F 157 6.98 31.95 27.57
C GLY F 157 5.76 31.07 27.40
N GLY F 158 5.59 30.54 26.19
CA GLY F 158 4.53 29.56 25.95
C GLY F 158 3.40 30.04 25.07
N ASN F 159 2.48 29.12 24.78
CA ASN F 159 1.26 29.41 24.03
C ASN F 159 0.09 28.66 24.70
N PRO F 160 -0.73 29.37 25.51
CA PRO F 160 -0.63 30.80 25.81
C PRO F 160 0.58 31.10 26.71
N ALA F 161 1.17 32.28 26.56
CA ALA F 161 2.32 32.66 27.38
C ALA F 161 1.95 32.81 28.86
N ASN F 162 2.84 32.34 29.73
CA ASN F 162 2.70 32.57 31.17
C ASN F 162 4.01 33.11 31.72
N GLU F 163 3.95 33.86 32.83
CA GLU F 163 5.16 34.28 33.54
C GLU F 163 5.84 33.05 34.12
N ILE F 164 7.15 32.95 33.88
CA ILE F 164 7.97 31.82 34.33
C ILE F 164 8.66 32.18 35.65
N LYS F 165 9.38 33.30 35.66
CA LYS F 165 10.04 33.79 36.88
C LYS F 165 10.52 35.22 36.72
N GLN F 166 10.67 35.91 37.85
CA GLN F 166 11.23 37.24 37.85
C GLN F 166 12.72 37.17 37.54
N ARG F 167 13.20 38.14 36.79
CA ARG F 167 14.58 38.15 36.32
C ARG F 167 15.60 38.47 37.44
N PHE F 168 15.18 39.34 38.34
CA PHE F 168 16.04 39.93 39.39
C PHE F 168 15.23 39.99 40.67
N ASP F 169 15.88 40.23 41.80
CA ASP F 169 15.17 40.43 43.06
C ASP F 169 14.25 41.64 42.97
N GLN F 170 13.18 41.65 43.78
CA GLN F 170 12.16 42.69 43.71
C GLN F 170 12.71 44.10 43.95
N ASP F 171 13.68 44.21 44.85
CA ASP F 171 14.24 45.51 45.14
C ASP F 171 14.99 46.06 43.93
N THR F 172 15.84 45.22 43.32
CA THR F 172 16.52 45.59 42.06
C THR F 172 15.51 46.06 41.00
N ILE F 173 14.46 45.26 40.80
CA ILE F 173 13.37 45.65 39.89
C ILE F 173 12.78 47.02 40.23
N ASN F 174 12.41 47.20 41.51
CA ASN F 174 11.81 48.46 41.93
C ASN F 174 12.73 49.66 41.72
N GLN F 175 14.03 49.47 41.95
CA GLN F 175 15.01 50.54 41.72
C GLN F 175 15.14 50.86 40.23
N LEU F 176 15.17 49.81 39.41
CA LEU F 176 15.19 50.00 37.96
C LEU F 176 13.97 50.77 37.49
N LEU F 177 12.79 50.42 38.00
CA LEU F 177 11.54 51.11 37.62
C LEU F 177 11.49 52.56 38.08
N ASP F 178 12.23 52.89 39.15
CA ASP F 178 12.34 54.29 39.58
C ASP F 178 13.34 55.09 38.75
N ILE F 179 14.49 54.48 38.45
CA ILE F 179 15.61 55.13 37.77
C ILE F 179 15.28 55.49 36.32
N LYS F 180 14.57 54.59 35.63
CA LYS F 180 14.20 54.77 34.21
C LYS F 180 15.36 55.34 33.40
N TRP F 181 16.46 54.59 33.36
CA TRP F 181 17.65 55.01 32.59
C TRP F 181 17.33 55.29 31.11
N TRP F 182 16.35 54.56 30.58
CA TRP F 182 15.93 54.72 29.17
C TRP F 182 15.40 56.11 28.84
N ASN F 183 14.92 56.84 29.85
CA ASN F 183 14.47 58.23 29.64
C ASN F 183 15.57 59.31 29.67
N TRP F 184 16.78 58.94 30.08
CA TRP F 184 17.91 59.87 30.07
C TRP F 184 18.30 60.19 28.62
N PRO F 185 18.79 61.42 28.37
CA PRO F 185 19.38 61.72 27.07
C PRO F 185 20.50 60.72 26.74
N ILE F 186 20.66 60.40 25.46
CA ILE F 186 21.68 59.39 25.08
C ILE F 186 23.10 59.81 25.46
N ASP F 187 23.36 61.13 25.46
CA ASP F 187 24.68 61.59 25.93
C ASP F 187 24.96 61.38 27.42
N ILE F 188 23.92 61.07 28.20
CA ILE F 188 24.07 60.62 29.57
C ILE F 188 24.13 59.08 29.64
N ILE F 189 23.22 58.41 28.94
CA ILE F 189 23.28 56.94 28.85
C ILE F 189 24.66 56.46 28.43
N ASN F 190 25.25 57.14 27.44
CA ASN F 190 26.54 56.79 26.84
C ASN F 190 27.65 56.68 27.88
N GLU F 191 27.54 57.45 28.96
CA GLU F 191 28.53 57.43 30.05
C GLU F 191 28.28 56.32 31.05
N ASN F 192 27.20 55.57 30.88
CA ASN F 192 26.73 54.61 31.90
C ASN F 192 26.36 53.21 31.35
N ILE F 193 26.72 52.91 30.11
CA ILE F 193 26.26 51.66 29.50
C ILE F 193 26.73 50.40 30.28
N ASP F 194 28.00 50.36 30.68
CA ASP F 194 28.50 49.18 31.39
C ASP F 194 27.70 48.89 32.66
N LYS F 195 27.31 49.96 33.36
CA LYS F 195 26.53 49.85 34.60
C LYS F 195 25.06 49.49 34.37
N ILE F 196 24.52 49.98 33.25
CA ILE F 196 23.19 49.54 32.77
C ILE F 196 23.21 48.04 32.42
N LEU F 197 24.31 47.60 31.83
CA LEU F 197 24.45 46.20 31.37
C LEU F 197 24.70 45.21 32.51
N ASP F 198 25.24 45.68 33.63
CA ASP F 198 25.47 44.76 34.75
C ASP F 198 24.59 45.04 35.98
N ASN F 199 23.65 45.98 35.82
CA ASN F 199 22.71 46.40 36.88
C ASN F 199 23.26 47.26 38.01
N SER F 200 24.55 47.57 37.99
CA SER F 200 25.12 48.39 39.05
C SER F 200 24.75 49.87 38.93
N ILE F 201 23.97 50.26 37.89
CA ILE F 201 23.48 51.65 37.77
C ILE F 201 22.61 52.03 38.95
N ILE F 202 22.05 51.01 39.62
CA ILE F 202 21.14 51.22 40.74
C ILE F 202 21.89 51.78 41.96
N ARG F 203 23.17 51.44 42.05
CA ARG F 203 24.09 51.98 43.06
C ARG F 203 24.36 53.47 42.82
#